data_9O54
#
_entry.id   9O54
#
_cell.length_a   1.00
_cell.length_b   1.00
_cell.length_c   1.00
_cell.angle_alpha   90.00
_cell.angle_beta   90.00
_cell.angle_gamma   90.00
#
_symmetry.space_group_name_H-M   'P 1'
#
loop_
_entity.id
_entity.type
_entity.pdbx_description
1 polymer 'Disintegrin and metalloproteinase domain-containing protein 17'
2 polymer 'MEDI3622 Fab Light Chain'
3 polymer 'MEDI3622 Fab Heavy Chain'
4 non-polymer 'ZINC ION'
#
loop_
_entity_poly.entity_id
_entity_poly.type
_entity_poly.pdbx_seq_one_letter_code
_entity_poly.pdbx_strand_id
1 'polypeptide(L)'
;MRQSLLFLTSVVPFVLAPRPPDDPGFGPHQRLEKLDSLLSDYDILSLSNIQQHSVRKADLQTSTHVETLLTFSALKRHFK
LYLTSSTERFSQNFKVVVVDGKNESEYTVKWQDFFTGHVVGEPDSRVLAHIRDDDVIIRINTDGAEYNIEPLWRFVNDTK
DKRMLVYKSEDIKQVSRLQSPKVCGYLKVDNEELLPKGLVDREPPEELVHAVKARADPDPMKNTCKLLVVADHRFYRYMG
RGEESTTTNYLIELIDRVDDIYRNTSWDNAGFKGYGIQIEQIRILKSPQEVKPGEKHYNMAKSYPNEEKDAWDVKMLLEQ
FSFDIAEEASKVCLAHLFTYQDFDMGTLGLAYVGSPRANSHGGVCPKAYYSPVGKKNIYLNSGLTSTKNYGKTILTKEAD
LVTTHELGHNFGAEHDPDGLAECAPNEDQGGKYVMYPIAVSGDHENNKMFSNCSKQSIYKTIESKAQECFQERSNKVHHH
HHH
;
A
2 'polypeptide(L)'
;DIQMTQSPSSLSASVGDRVTITCRSSQSIPSYLNWYQQKPGKAPKLLIYAASRLQSGVPSRFSGSGSGTDFTLTISSLQP
EDFATYYCQQSYSTPLTFGGGTKVEIKRTVAAPSVFIFPPSDEQLKSGTASVVCLLNNFYPREAKVQWKVDNALQSGNSQ
ESVTEQDSKDSTYSLSSTLTLSKADYEKHKVYACEVTHQGLSSPVTKSFNRGEC
;
C
3 'polypeptide(L)'
;EVQLLESGGGLVQPGGSLRLSCAASGFTFSSYPMNWVRQAPGKGLEWVSYISPFGGMTDYATSVKGRFTISRDNSKNTLY
LQMNSLRAEDTAVYYCARDAMRGAEVDYWGQGTLVTVSSASTKGPSVFPLAPSSKSTSGGTAALGCLVKDYFPEPVTVSW
NSGALTSGVHTFPAVLQSSGLYSLSSVVTVPSSSLGTQTYICNVNHKPSNTKVDKRVEPKSCL
;
D
#
# COMPACT_ATOMS: atom_id res chain seq x y z
N ASP A 36 -38.18 -6.18 20.91
CA ASP A 36 -37.43 -6.40 22.14
C ASP A 36 -37.56 -7.86 22.61
N SER A 37 -38.78 -8.39 22.57
CA SER A 37 -39.05 -9.76 22.99
C SER A 37 -38.83 -10.72 21.81
N LEU A 38 -37.56 -11.08 21.62
CA LEU A 38 -37.19 -12.00 20.55
C LEU A 38 -36.95 -13.41 21.06
N LEU A 39 -36.23 -13.56 22.17
CA LEU A 39 -35.88 -14.88 22.70
C LEU A 39 -37.07 -15.49 23.43
N SER A 40 -36.94 -16.78 23.74
CA SER A 40 -38.05 -17.54 24.31
C SER A 40 -38.25 -17.24 25.79
N ASP A 41 -37.23 -17.55 26.60
CA ASP A 41 -37.33 -17.37 28.05
C ASP A 41 -36.72 -16.02 28.41
N TYR A 42 -37.56 -15.09 28.87
CA TYR A 42 -37.13 -13.75 29.26
C TYR A 42 -37.86 -13.31 30.53
N ASP A 43 -37.93 -14.20 31.51
CA ASP A 43 -38.66 -13.89 32.74
C ASP A 43 -38.04 -12.70 33.46
N ILE A 44 -38.90 -11.89 34.06
CA ILE A 44 -38.53 -10.58 34.59
C ILE A 44 -38.23 -10.71 36.08
N LEU A 45 -37.18 -10.00 36.54
CA LEU A 45 -36.78 -10.01 37.93
C LEU A 45 -36.61 -8.60 38.44
N SER A 46 -36.81 -8.42 39.75
CA SER A 46 -36.58 -7.15 40.43
C SER A 46 -35.46 -7.33 41.44
N LEU A 47 -34.43 -6.49 41.33
CA LEU A 47 -33.23 -6.66 42.15
C LEU A 47 -33.52 -6.40 43.63
N SER A 48 -34.15 -5.26 43.94
CA SER A 48 -34.30 -4.86 45.33
C SER A 48 -35.21 -5.78 46.12
N ASN A 49 -36.15 -6.46 45.47
CA ASN A 49 -37.13 -7.27 46.17
C ASN A 49 -36.74 -8.74 46.25
N ILE A 50 -36.18 -9.29 45.18
CA ILE A 50 -35.96 -10.73 45.10
C ILE A 50 -34.53 -11.10 45.48
N GLN A 51 -33.58 -10.21 45.26
CA GLN A 51 -32.18 -10.49 45.58
C GLN A 51 -31.92 -10.05 47.00
N GLN A 52 -32.06 -10.98 47.94
CA GLN A 52 -31.86 -10.66 49.36
C GLN A 52 -30.42 -10.26 49.63
N HIS A 53 -29.46 -10.93 48.99
CA HIS A 53 -28.04 -10.62 49.13
C HIS A 53 -27.58 -10.79 50.59
N SER A 54 -27.81 -11.97 51.13
CA SER A 54 -27.39 -12.27 52.49
C SER A 54 -25.90 -12.60 52.54
N VAL A 55 -25.23 -12.10 53.57
CA VAL A 55 -23.81 -12.35 53.74
C VAL A 55 -23.57 -13.52 54.68
N THR A 64 -11.09 -15.65 50.29
CA THR A 64 -10.54 -14.66 51.20
C THR A 64 -11.28 -13.33 51.09
N HIS A 65 -10.94 -12.41 51.99
CA HIS A 65 -11.52 -11.06 52.05
C HIS A 65 -13.03 -11.22 52.29
N VAL A 66 -13.89 -10.65 51.44
CA VAL A 66 -15.33 -10.60 51.69
C VAL A 66 -15.99 -11.77 50.97
N GLU A 67 -16.83 -12.50 51.69
CA GLU A 67 -17.63 -13.59 51.13
C GLU A 67 -19.02 -13.08 50.78
N THR A 68 -19.78 -13.93 50.09
CA THR A 68 -21.14 -13.60 49.69
C THR A 68 -21.96 -14.88 49.62
N LEU A 69 -23.20 -14.82 50.08
CA LEU A 69 -24.15 -15.92 50.00
C LEU A 69 -25.50 -15.42 49.50
N LEU A 70 -25.45 -14.59 48.47
CA LEU A 70 -26.65 -13.96 47.92
C LEU A 70 -27.53 -14.99 47.21
N THR A 71 -28.82 -14.66 47.11
CA THR A 71 -29.78 -15.55 46.48
C THR A 71 -30.92 -14.74 45.88
N PHE A 72 -31.59 -15.33 44.90
CA PHE A 72 -32.76 -14.72 44.29
C PHE A 72 -33.57 -15.80 43.60
N SER A 73 -34.90 -15.65 43.62
CA SER A 73 -35.80 -16.61 42.98
C SER A 73 -36.03 -16.17 41.53
N ALA A 74 -35.03 -16.46 40.71
CA ALA A 74 -35.07 -16.15 39.28
C ALA A 74 -35.41 -17.40 38.50
N LEU A 75 -36.16 -17.21 37.40
CA LEU A 75 -36.64 -18.33 36.59
C LEU A 75 -37.34 -19.37 37.45
N LYS A 76 -36.86 -20.61 37.41
CA LYS A 76 -37.44 -21.71 38.17
C LYS A 76 -36.40 -22.33 39.09
N ARG A 77 -35.60 -21.49 39.74
CA ARG A 77 -34.52 -21.96 40.60
C ARG A 77 -34.34 -20.98 41.75
N HIS A 78 -33.98 -21.51 42.92
CA HIS A 78 -33.78 -20.66 44.09
C HIS A 78 -32.48 -19.87 44.01
N PHE A 79 -31.49 -20.38 43.28
CA PHE A 79 -30.27 -19.67 42.94
C PHE A 79 -29.57 -19.11 44.17
N LYS A 80 -29.14 -20.03 45.03
CA LYS A 80 -28.32 -19.68 46.18
C LYS A 80 -26.85 -19.71 45.75
N LEU A 81 -26.18 -18.56 45.84
CA LEU A 81 -24.84 -18.39 45.28
C LEU A 81 -23.81 -18.23 46.38
N TYR A 82 -22.54 -18.25 45.96
CA TYR A 82 -21.40 -18.00 46.84
C TYR A 82 -20.36 -17.27 46.03
N LEU A 83 -19.98 -16.07 46.47
CA LEU A 83 -19.13 -15.18 45.69
C LEU A 83 -18.08 -14.53 46.57
N THR A 84 -16.92 -14.23 45.97
CA THR A 84 -15.80 -13.61 46.66
C THR A 84 -15.22 -12.48 45.83
N SER A 85 -14.60 -11.51 46.52
CA SER A 85 -13.88 -10.42 45.86
C SER A 85 -12.76 -9.96 46.77
N SER A 86 -11.77 -9.30 46.18
CA SER A 86 -10.59 -8.87 46.92
C SER A 86 -9.90 -7.74 46.17
N THR A 87 -8.95 -7.11 46.86
CA THR A 87 -8.16 -6.04 46.25
C THR A 87 -7.24 -6.57 45.15
N GLU A 88 -6.60 -7.72 45.40
CA GLU A 88 -5.57 -8.22 44.52
C GLU A 88 -6.12 -8.83 43.23
N ARG A 89 -7.44 -8.97 43.10
CA ARG A 89 -8.00 -9.43 41.85
C ARG A 89 -7.80 -8.41 40.73
N PHE A 90 -7.53 -7.15 41.08
CA PHE A 90 -7.25 -6.11 40.11
C PHE A 90 -5.75 -5.85 40.06
N SER A 91 -5.26 -5.58 38.84
CA SER A 91 -3.82 -5.44 38.63
C SER A 91 -3.28 -4.20 39.34
N GLN A 92 -2.01 -4.29 39.74
CA GLN A 92 -1.33 -3.14 40.33
C GLN A 92 -1.12 -2.03 39.32
N ASN A 93 -1.19 -2.33 38.02
CA ASN A 93 -1.12 -1.34 36.96
C ASN A 93 -2.46 -1.15 36.26
N PHE A 94 -3.56 -1.64 36.85
CA PHE A 94 -4.88 -1.55 36.27
C PHE A 94 -5.38 -0.12 36.41
N LYS A 95 -5.05 0.70 35.42
CA LYS A 95 -5.44 2.11 35.40
C LYS A 95 -6.59 2.28 34.41
N VAL A 96 -7.67 2.90 34.87
CA VAL A 96 -8.81 3.22 34.03
C VAL A 96 -8.81 4.72 33.79
N VAL A 97 -8.73 5.12 32.53
CA VAL A 97 -8.70 6.53 32.16
C VAL A 97 -9.96 6.86 31.38
N VAL A 98 -10.69 7.86 31.83
CA VAL A 98 -11.87 8.37 31.13
C VAL A 98 -11.43 9.65 30.42
N VAL A 99 -11.11 9.51 29.14
CA VAL A 99 -10.53 10.58 28.36
C VAL A 99 -11.62 11.58 28.00
N ASP A 100 -11.20 12.77 27.56
CA ASP A 100 -12.10 13.81 27.09
C ASP A 100 -11.36 14.60 26.02
N GLY A 101 -11.87 15.78 25.67
CA GLY A 101 -11.16 16.64 24.76
C GLY A 101 -10.06 17.39 25.48
N LYS A 102 -8.84 16.83 25.41
CA LYS A 102 -7.61 17.32 26.03
C LYS A 102 -7.58 17.04 27.53
N ASN A 103 -8.68 16.57 28.12
CA ASN A 103 -8.74 16.31 29.56
C ASN A 103 -8.83 14.80 29.81
N GLU A 104 -8.31 14.38 30.95
CA GLU A 104 -8.31 12.98 31.35
C GLU A 104 -8.58 12.87 32.83
N SER A 105 -9.02 11.68 33.26
CA SER A 105 -9.29 11.42 34.66
C SER A 105 -9.11 9.93 34.92
N GLU A 106 -8.89 9.59 36.19
CA GLU A 106 -8.72 8.21 36.62
C GLU A 106 -9.88 7.81 37.52
N TYR A 107 -10.51 6.69 37.21
CA TYR A 107 -11.63 6.18 38.00
C TYR A 107 -11.15 5.02 38.87
N THR A 108 -11.45 5.11 40.16
CA THR A 108 -11.04 4.07 41.11
C THR A 108 -12.01 2.90 41.00
N VAL A 109 -11.55 1.78 40.46
CA VAL A 109 -12.39 0.60 40.31
C VAL A 109 -12.68 0.01 41.68
N LYS A 110 -13.95 -0.32 41.92
CA LYS A 110 -14.38 -0.85 43.21
C LYS A 110 -14.11 -2.35 43.23
N TRP A 111 -13.01 -2.75 43.85
CA TRP A 111 -12.66 -4.16 43.92
C TRP A 111 -13.57 -4.94 44.85
N GLN A 112 -14.35 -4.26 45.69
CA GLN A 112 -15.33 -4.93 46.54
C GLN A 112 -16.55 -5.42 45.79
N ASP A 113 -16.68 -5.08 44.51
CA ASP A 113 -17.88 -5.34 43.73
C ASP A 113 -17.78 -6.59 42.88
N PHE A 114 -16.76 -6.69 42.04
CA PHE A 114 -16.67 -7.76 41.05
C PHE A 114 -16.47 -9.09 41.75
N PHE A 115 -17.50 -9.92 41.74
CA PHE A 115 -17.50 -11.19 42.46
C PHE A 115 -17.13 -12.35 41.53
N THR A 116 -16.75 -13.46 42.15
CA THR A 116 -16.43 -14.69 41.43
C THR A 116 -16.48 -15.84 42.42
N GLY A 117 -17.27 -16.86 42.13
CA GLY A 117 -17.39 -17.97 43.05
C GLY A 117 -18.07 -19.19 42.45
N HIS A 118 -18.90 -19.85 43.25
CA HIS A 118 -19.57 -21.07 42.82
C HIS A 118 -20.97 -21.12 43.42
N VAL A 119 -21.84 -21.88 42.78
CA VAL A 119 -23.19 -22.12 43.28
C VAL A 119 -23.14 -23.23 44.31
N VAL A 120 -23.91 -23.07 45.40
CA VAL A 120 -23.89 -24.07 46.47
C VAL A 120 -24.45 -25.38 45.94
N GLY A 121 -23.83 -26.48 46.35
CA GLY A 121 -24.23 -27.81 45.92
C GLY A 121 -23.75 -28.20 44.54
N GLU A 122 -23.12 -27.29 43.81
CA GLU A 122 -22.60 -27.54 42.47
C GLU A 122 -21.16 -27.06 42.40
N PRO A 123 -20.21 -27.82 42.96
CA PRO A 123 -18.81 -27.39 42.93
C PRO A 123 -18.22 -27.32 41.52
N ASP A 124 -18.85 -27.98 40.55
CA ASP A 124 -18.39 -27.95 39.17
C ASP A 124 -18.86 -26.70 38.42
N SER A 125 -19.65 -25.85 39.05
CA SER A 125 -20.15 -24.64 38.41
C SER A 125 -19.10 -23.54 38.43
N ARG A 126 -19.31 -22.55 37.56
CA ARG A 126 -18.46 -21.36 37.52
C ARG A 126 -19.37 -20.17 37.24
N VAL A 127 -19.39 -19.21 38.16
CA VAL A 127 -20.29 -18.07 38.08
C VAL A 127 -19.48 -16.79 38.26
N LEU A 128 -19.68 -15.84 37.36
CA LEU A 128 -19.15 -14.48 37.49
C LEU A 128 -20.29 -13.55 37.85
N ALA A 129 -19.96 -12.42 38.46
CA ALA A 129 -21.00 -11.50 38.90
C ALA A 129 -20.41 -10.11 39.13
N HIS A 130 -21.31 -9.13 39.25
CA HIS A 130 -20.93 -7.77 39.60
C HIS A 130 -22.14 -7.12 40.25
N ILE A 131 -22.13 -6.99 41.57
CA ILE A 131 -23.26 -6.49 42.33
C ILE A 131 -22.97 -5.06 42.76
N ARG A 132 -23.93 -4.16 42.51
CA ARG A 132 -23.88 -2.78 42.98
C ARG A 132 -25.24 -2.43 43.56
N ASP A 133 -25.47 -1.15 43.86
CA ASP A 133 -26.79 -0.74 44.35
C ASP A 133 -27.87 -1.04 43.32
N ASP A 134 -27.59 -0.76 42.06
CA ASP A 134 -28.53 -1.03 40.97
C ASP A 134 -27.91 -1.87 39.87
N ASP A 135 -26.61 -1.72 39.61
CA ASP A 135 -25.96 -2.46 38.54
C ASP A 135 -25.74 -3.91 38.96
N VAL A 136 -26.24 -4.84 38.15
CA VAL A 136 -26.06 -6.27 38.39
C VAL A 136 -25.84 -6.95 37.04
N ILE A 137 -24.70 -7.61 36.88
CA ILE A 137 -24.37 -8.38 35.69
C ILE A 137 -23.82 -9.71 36.16
N ILE A 138 -24.66 -10.74 36.21
CA ILE A 138 -24.29 -12.06 36.69
C ILE A 138 -24.37 -13.04 35.54
N ARG A 139 -23.52 -14.07 35.57
CA ARG A 139 -23.50 -15.12 34.57
C ARG A 139 -23.18 -16.43 35.25
N ILE A 140 -24.07 -17.42 35.11
CA ILE A 140 -23.99 -18.66 35.85
C ILE A 140 -23.86 -19.81 34.87
N ASN A 141 -22.92 -20.72 35.13
CA ASN A 141 -22.66 -21.88 34.28
C ASN A 141 -22.84 -23.13 35.12
N THR A 142 -23.84 -23.95 34.80
CA THR A 142 -24.06 -25.20 35.53
C THR A 142 -24.91 -26.13 34.69
N ASP A 143 -24.56 -27.42 34.73
CA ASP A 143 -25.32 -28.48 34.06
C ASP A 143 -25.46 -28.13 32.57
N GLY A 144 -24.39 -27.58 32.00
CA GLY A 144 -24.39 -27.19 30.61
C GLY A 144 -25.12 -25.89 30.34
N ALA A 145 -26.38 -25.81 30.76
CA ALA A 145 -27.17 -24.61 30.54
C ALA A 145 -26.55 -23.41 31.23
N GLU A 146 -26.66 -22.25 30.60
CA GLU A 146 -26.06 -21.01 31.09
C GLU A 146 -27.16 -20.02 31.43
N TYR A 147 -27.07 -19.42 32.62
CA TYR A 147 -28.01 -18.41 33.07
C TYR A 147 -27.31 -17.07 33.13
N ASN A 148 -27.94 -16.04 32.57
CA ASN A 148 -27.35 -14.71 32.49
C ASN A 148 -28.30 -13.67 33.05
N ILE A 149 -27.74 -12.55 33.49
CA ILE A 149 -28.50 -11.43 34.04
C ILE A 149 -28.04 -10.15 33.39
N GLU A 150 -28.97 -9.27 33.04
CA GLU A 150 -28.66 -7.93 32.57
C GLU A 150 -29.64 -6.95 33.19
N PRO A 151 -29.24 -5.70 33.36
CA PRO A 151 -30.22 -4.65 33.64
C PRO A 151 -31.15 -4.45 32.45
N LEU A 152 -32.38 -4.03 32.73
CA LEU A 152 -33.37 -3.85 31.68
C LEU A 152 -33.16 -2.59 30.86
N TRP A 153 -32.46 -1.59 31.40
CA TRP A 153 -32.42 -0.29 30.76
C TRP A 153 -31.72 -0.32 29.40
N ARG A 154 -30.99 -1.39 29.10
CA ARG A 154 -30.28 -1.47 27.83
C ARG A 154 -31.21 -1.80 26.67
N PHE A 155 -32.41 -2.32 26.94
CA PHE A 155 -33.27 -2.88 25.92
C PHE A 155 -34.56 -2.10 25.70
N VAL A 156 -35.24 -1.71 26.79
CA VAL A 156 -36.55 -1.08 26.67
C VAL A 156 -36.48 0.39 26.27
N ASN A 157 -35.28 0.90 25.98
CA ASN A 157 -35.03 2.27 25.53
C ASN A 157 -35.31 3.33 26.60
N ASP A 158 -35.59 2.91 27.83
CA ASP A 158 -35.76 3.83 28.95
C ASP A 158 -34.68 3.51 29.99
N THR A 159 -33.68 4.39 30.10
CA THR A 159 -32.53 4.14 30.95
C THR A 159 -32.87 4.12 32.44
N LYS A 160 -34.00 4.69 32.85
CA LYS A 160 -34.32 4.81 34.26
C LYS A 160 -34.97 3.56 34.85
N ASP A 161 -35.35 2.60 34.03
CA ASP A 161 -35.94 1.36 34.56
C ASP A 161 -34.87 0.52 35.25
N LYS A 162 -35.26 -0.07 36.39
CA LYS A 162 -34.39 -0.95 37.16
C LYS A 162 -35.08 -2.30 37.25
N ARG A 163 -34.46 -3.33 36.67
CA ARG A 163 -34.98 -4.69 36.64
C ARG A 163 -33.94 -5.60 36.05
N MET A 164 -34.03 -6.89 36.37
CA MET A 164 -33.12 -7.87 35.81
C MET A 164 -33.79 -8.63 34.67
N LEU A 165 -32.96 -9.23 33.82
CA LEU A 165 -33.42 -10.02 32.67
C LEU A 165 -32.76 -11.39 32.76
N VAL A 166 -33.38 -12.30 33.48
CA VAL A 166 -32.87 -13.66 33.65
C VAL A 166 -33.29 -14.50 32.47
N TYR A 167 -32.34 -15.23 31.89
CA TYR A 167 -32.64 -16.07 30.74
C TYR A 167 -31.59 -17.17 30.63
N LYS A 168 -31.92 -18.20 29.87
CA LYS A 168 -30.99 -19.27 29.55
C LYS A 168 -30.51 -19.11 28.13
N SER A 169 -29.18 -19.18 27.94
CA SER A 169 -28.60 -18.96 26.62
C SER A 169 -29.00 -20.03 25.62
N GLU A 170 -29.51 -21.17 26.09
CA GLU A 170 -29.86 -22.28 25.19
C GLU A 170 -31.20 -22.09 24.50
N ASP A 171 -31.96 -21.04 24.82
CA ASP A 171 -33.31 -20.88 24.30
C ASP A 171 -33.50 -19.55 23.55
N ILE A 172 -32.42 -18.94 23.10
CA ILE A 172 -32.53 -17.68 22.35
C ILE A 172 -32.87 -18.00 20.90
N LYS A 173 -33.93 -17.37 20.40
CA LYS A 173 -34.38 -17.62 19.03
C LYS A 173 -33.37 -17.06 18.04
N GLN A 174 -32.92 -17.91 17.13
CA GLN A 174 -31.97 -17.51 16.10
C GLN A 174 -31.97 -18.58 14.99
N PRO A 218 4.11 -25.24 26.77
CA PRO A 218 3.38 -25.44 28.03
C PRO A 218 4.00 -24.68 29.19
N ASP A 219 4.95 -23.80 28.88
CA ASP A 219 5.67 -23.07 29.92
C ASP A 219 4.79 -21.96 30.51
N PRO A 220 4.54 -21.96 31.81
CA PRO A 220 3.82 -20.84 32.43
C PRO A 220 4.68 -19.60 32.54
N MET A 221 4.17 -18.57 33.23
CA MET A 221 4.81 -17.28 33.48
C MET A 221 4.85 -16.40 32.24
N LYS A 222 4.35 -16.86 31.11
CA LYS A 222 4.17 -16.02 29.92
C LYS A 222 2.81 -16.31 29.31
N ASN A 223 1.77 -16.35 30.14
CA ASN A 223 0.45 -16.82 29.74
C ASN A 223 -0.60 -15.73 29.95
N THR A 224 -0.30 -14.50 29.54
CA THR A 224 -1.25 -13.41 29.69
C THR A 224 -0.93 -12.33 28.67
N CYS A 225 -1.92 -11.98 27.86
CA CYS A 225 -1.81 -10.93 26.85
C CYS A 225 -2.49 -9.68 27.39
N LYS A 226 -1.69 -8.72 27.86
CA LYS A 226 -2.23 -7.47 28.38
C LYS A 226 -2.95 -6.74 27.26
N LEU A 227 -4.26 -6.66 27.36
CA LEU A 227 -5.11 -6.11 26.30
C LEU A 227 -5.66 -4.77 26.74
N LEU A 228 -5.67 -3.81 25.82
CA LEU A 228 -6.13 -2.45 26.08
C LEU A 228 -7.57 -2.33 25.57
N VAL A 229 -8.46 -1.84 26.43
CA VAL A 229 -9.88 -1.73 26.10
C VAL A 229 -10.19 -0.28 25.77
N VAL A 230 -10.79 -0.05 24.60
CA VAL A 230 -11.20 1.26 24.16
C VAL A 230 -12.70 1.25 23.93
N ALA A 231 -13.41 2.19 24.56
CA ALA A 231 -14.85 2.32 24.39
C ALA A 231 -15.13 3.72 23.87
N ASP A 232 -15.50 3.83 22.59
CA ASP A 232 -15.71 5.13 22.00
C ASP A 232 -17.00 5.77 22.54
N HIS A 233 -17.31 6.95 22.01
CA HIS A 233 -18.40 7.74 22.59
C HIS A 233 -19.75 7.08 22.41
N ARG A 234 -19.95 6.36 21.30
CA ARG A 234 -21.25 5.71 21.09
C ARG A 234 -21.52 4.65 22.14
N PHE A 235 -20.52 3.82 22.45
CA PHE A 235 -20.69 2.78 23.46
C PHE A 235 -20.96 3.40 24.83
N TYR A 236 -20.20 4.42 25.20
CA TYR A 236 -20.37 5.05 26.50
C TYR A 236 -21.73 5.72 26.62
N ARG A 237 -22.20 6.35 25.54
CA ARG A 237 -23.47 7.07 25.60
C ARG A 237 -24.66 6.13 25.57
N TYR A 238 -24.56 4.99 24.86
CA TYR A 238 -25.74 4.16 24.69
C TYR A 238 -25.79 2.98 25.66
N MET A 239 -24.66 2.36 25.96
CA MET A 239 -24.62 1.26 26.92
C MET A 239 -24.00 1.64 28.25
N GLY A 240 -23.98 2.91 28.60
CA GLY A 240 -23.46 3.33 29.88
C GLY A 240 -24.25 4.43 30.54
N ARG A 241 -25.43 4.73 30.01
CA ARG A 241 -26.33 5.77 30.52
C ARG A 241 -25.69 7.14 30.55
N GLY A 242 -24.53 7.32 29.93
CA GLY A 242 -23.76 8.53 30.10
C GLY A 242 -22.91 8.56 31.35
N GLU A 243 -22.82 7.45 32.08
CA GLU A 243 -22.03 7.36 33.29
C GLU A 243 -20.82 6.44 33.06
N GLU A 244 -19.67 6.85 33.59
CA GLU A 244 -18.45 6.08 33.37
C GLU A 244 -18.49 4.75 34.11
N SER A 245 -19.10 4.73 35.30
CA SER A 245 -19.05 3.54 36.15
C SER A 245 -19.73 2.35 35.48
N THR A 246 -20.91 2.56 34.92
CA THR A 246 -21.62 1.47 34.25
C THR A 246 -20.83 0.96 33.06
N THR A 247 -20.24 1.87 32.29
CA THR A 247 -19.46 1.48 31.12
C THR A 247 -18.29 0.60 31.52
N THR A 248 -17.49 1.05 32.50
CA THR A 248 -16.31 0.26 32.87
C THR A 248 -16.72 -1.05 33.52
N ASN A 249 -17.80 -1.05 34.31
CA ASN A 249 -18.27 -2.29 34.92
C ASN A 249 -18.65 -3.31 33.86
N TYR A 250 -19.43 -2.88 32.85
CA TYR A 250 -19.83 -3.80 31.80
C TYR A 250 -18.62 -4.28 30.99
N LEU A 251 -17.68 -3.37 30.71
CA LEU A 251 -16.50 -3.76 29.95
C LEU A 251 -15.67 -4.79 30.69
N ILE A 252 -15.45 -4.58 31.99
CA ILE A 252 -14.67 -5.51 32.77
C ILE A 252 -15.38 -6.86 32.88
N GLU A 253 -16.71 -6.84 33.07
CA GLU A 253 -17.44 -8.09 33.15
C GLU A 253 -17.36 -8.88 31.85
N LEU A 254 -17.52 -8.20 30.71
CA LEU A 254 -17.44 -8.89 29.43
C LEU A 254 -16.04 -9.43 29.18
N ILE A 255 -15.01 -8.66 29.53
CA ILE A 255 -13.65 -9.13 29.33
C ILE A 255 -13.35 -10.32 30.24
N ASP A 256 -13.88 -10.31 31.46
CA ASP A 256 -13.72 -11.45 32.34
C ASP A 256 -14.41 -12.68 31.77
N ARG A 257 -15.59 -12.49 31.17
CA ARG A 257 -16.26 -13.59 30.48
C ARG A 257 -15.39 -14.17 29.37
N VAL A 258 -14.81 -13.28 28.55
CA VAL A 258 -13.96 -13.73 27.45
C VAL A 258 -12.73 -14.46 27.98
N ASP A 259 -12.12 -13.95 29.04
CA ASP A 259 -10.95 -14.58 29.61
C ASP A 259 -11.28 -15.95 30.20
N ASP A 260 -12.45 -16.07 30.83
CA ASP A 260 -12.89 -17.37 31.33
C ASP A 260 -13.10 -18.35 30.18
N ILE A 261 -13.64 -17.87 29.07
CA ILE A 261 -13.78 -18.72 27.89
C ILE A 261 -12.41 -19.16 27.38
N TYR A 262 -11.45 -18.23 27.34
CA TYR A 262 -10.14 -18.51 26.76
C TYR A 262 -9.34 -19.48 27.62
N ARG A 263 -9.30 -19.26 28.93
CA ARG A 263 -8.43 -20.05 29.80
C ARG A 263 -8.82 -21.52 29.80
N ASN A 264 -10.09 -21.83 29.56
CA ASN A 264 -10.54 -23.21 29.60
C ASN A 264 -9.98 -24.02 28.43
N THR A 265 -9.92 -23.42 27.24
CA THR A 265 -9.54 -24.17 26.05
C THR A 265 -8.07 -24.58 26.10
N SER A 266 -7.81 -25.80 25.65
CA SER A 266 -6.45 -26.31 25.49
C SER A 266 -6.12 -26.31 24.00
N TRP A 267 -5.14 -25.48 23.61
CA TRP A 267 -4.91 -25.22 22.20
C TRP A 267 -4.29 -26.39 21.47
N ASP A 268 -3.73 -27.36 22.18
CA ASP A 268 -3.08 -28.51 21.55
C ASP A 268 -3.68 -29.85 21.99
N ASN A 269 -4.87 -29.83 22.57
CA ASN A 269 -5.49 -31.04 23.13
C ASN A 269 -4.60 -31.67 24.19
N ALA A 270 -3.88 -30.84 24.93
CA ALA A 270 -2.92 -31.30 25.94
C ALA A 270 -2.87 -30.25 27.04
N GLY A 271 -1.82 -30.29 27.86
CA GLY A 271 -1.69 -29.39 28.99
C GLY A 271 -1.49 -27.94 28.64
N PHE A 272 -1.25 -27.63 27.36
CA PHE A 272 -1.01 -26.26 26.92
C PHE A 272 -2.34 -25.51 26.93
N LYS A 273 -2.74 -25.08 28.13
CA LYS A 273 -3.98 -24.35 28.32
C LYS A 273 -3.74 -23.17 29.24
N GLY A 274 -4.60 -22.16 29.12
CA GLY A 274 -4.54 -20.99 29.97
C GLY A 274 -3.90 -19.77 29.36
N TYR A 275 -3.65 -19.75 28.06
CA TYR A 275 -3.06 -18.59 27.40
C TYR A 275 -4.17 -17.63 26.98
N GLY A 276 -4.75 -16.97 27.97
CA GLY A 276 -5.85 -16.05 27.79
C GLY A 276 -5.41 -14.61 27.75
N ILE A 277 -6.27 -13.72 28.26
CA ILE A 277 -6.04 -12.28 28.20
C ILE A 277 -6.20 -11.69 29.60
N GLN A 278 -5.95 -10.39 29.69
CA GLN A 278 -6.12 -9.62 30.91
C GLN A 278 -6.05 -8.15 30.55
N ILE A 279 -6.95 -7.35 31.14
CA ILE A 279 -6.96 -5.92 30.85
C ILE A 279 -5.73 -5.26 31.48
N GLU A 280 -5.07 -4.41 30.70
CA GLU A 280 -3.99 -3.59 31.22
C GLU A 280 -4.41 -2.15 31.49
N GLN A 281 -5.29 -1.59 30.65
CA GLN A 281 -5.76 -0.22 30.83
C GLN A 281 -7.00 0.03 29.99
N ILE A 282 -8.07 0.51 30.62
CA ILE A 282 -9.34 0.79 29.94
C ILE A 282 -9.39 2.27 29.59
N ARG A 283 -9.63 2.57 28.32
CA ARG A 283 -9.75 3.93 27.84
C ARG A 283 -11.22 4.17 27.46
N ILE A 284 -11.88 5.05 28.19
CA ILE A 284 -13.29 5.34 27.97
C ILE A 284 -13.38 6.74 27.38
N LEU A 285 -13.82 6.84 26.14
CA LEU A 285 -13.98 8.12 25.46
C LEU A 285 -15.41 8.61 25.74
N LYS A 286 -15.52 9.58 26.63
CA LYS A 286 -16.85 10.02 27.08
C LYS A 286 -17.54 10.91 26.06
N SER A 287 -16.80 11.56 25.18
CA SER A 287 -17.37 12.51 24.24
C SER A 287 -16.74 12.34 22.88
N PRO A 288 -17.44 12.73 21.81
CA PRO A 288 -16.84 12.68 20.48
C PRO A 288 -15.66 13.66 20.36
N GLN A 289 -14.68 13.27 19.56
CA GLN A 289 -13.48 14.06 19.37
C GLN A 289 -13.68 14.99 18.18
N GLU A 290 -13.70 16.29 18.43
CA GLU A 290 -13.86 17.26 17.36
C GLU A 290 -12.67 17.19 16.40
N VAL A 291 -12.97 17.20 15.10
CA VAL A 291 -11.94 17.07 14.08
C VAL A 291 -12.13 18.19 13.06
N LYS A 292 -11.04 18.50 12.36
CA LYS A 292 -11.11 19.48 11.29
C LYS A 292 -11.90 18.92 10.11
N PRO A 293 -12.60 19.77 9.37
CA PRO A 293 -13.33 19.28 8.19
C PRO A 293 -12.39 18.55 7.23
N GLY A 294 -12.84 17.40 6.75
CA GLY A 294 -12.05 16.56 5.88
C GLY A 294 -11.12 15.60 6.60
N GLU A 295 -11.04 15.66 7.92
CA GLU A 295 -10.19 14.78 8.70
C GLU A 295 -10.98 13.54 9.13
N LYS A 296 -10.27 12.57 9.70
CA LYS A 296 -10.85 11.32 10.12
C LYS A 296 -10.45 11.01 11.56
N HIS A 297 -11.30 10.27 12.25
CA HIS A 297 -11.02 9.80 13.60
C HIS A 297 -11.95 8.64 13.90
N TYR A 298 -11.46 7.69 14.70
CA TYR A 298 -12.28 6.54 15.07
C TYR A 298 -13.31 6.89 16.14
N ASN A 299 -13.30 8.12 16.64
CA ASN A 299 -14.22 8.54 17.69
C ASN A 299 -15.13 9.69 17.25
N MET A 300 -15.03 10.14 15.99
CA MET A 300 -15.81 11.27 15.54
C MET A 300 -17.30 10.93 15.55
N ALA A 301 -18.12 11.99 15.47
CA ALA A 301 -19.57 11.85 15.57
C ALA A 301 -20.24 11.61 14.23
N LYS A 302 -19.51 11.06 13.26
CA LYS A 302 -20.04 10.78 11.93
C LYS A 302 -19.50 9.43 11.48
N SER A 303 -19.65 9.14 10.19
CA SER A 303 -19.14 7.91 9.60
C SER A 303 -18.37 8.24 8.33
N TYR A 304 -17.31 7.47 8.06
CA TYR A 304 -16.45 7.80 6.93
C TYR A 304 -17.15 7.59 5.59
N PRO A 305 -17.60 6.37 5.23
CA PRO A 305 -18.06 6.17 3.85
C PRO A 305 -19.20 7.09 3.45
N ASN A 306 -20.14 7.37 4.35
CA ASN A 306 -21.25 8.25 4.06
C ASN A 306 -21.96 8.58 5.37
N GLU A 307 -22.27 9.86 5.56
CA GLU A 307 -23.04 10.29 6.72
C GLU A 307 -24.50 9.87 6.64
N GLU A 308 -24.97 9.45 5.47
CA GLU A 308 -26.35 8.97 5.35
C GLU A 308 -26.56 7.75 6.23
N LYS A 309 -25.61 6.82 6.23
CA LYS A 309 -25.66 5.70 7.17
C LYS A 309 -25.32 6.18 8.57
N ASP A 310 -25.66 5.36 9.55
CA ASP A 310 -25.36 5.64 10.95
C ASP A 310 -24.17 4.84 11.45
N ALA A 311 -23.38 4.25 10.56
CA ALA A 311 -22.27 3.40 10.95
C ALA A 311 -21.16 3.49 9.93
N TRP A 312 -19.96 3.14 10.37
CA TRP A 312 -18.79 3.08 9.52
C TRP A 312 -18.77 1.80 8.69
N ASP A 313 -17.91 1.79 7.68
CA ASP A 313 -17.49 0.52 7.09
C ASP A 313 -16.59 -0.20 8.08
N VAL A 314 -16.77 -1.52 8.19
CA VAL A 314 -16.04 -2.26 9.22
C VAL A 314 -14.54 -2.18 8.99
N LYS A 315 -14.10 -2.44 7.75
CA LYS A 315 -12.67 -2.44 7.45
C LYS A 315 -12.08 -1.05 7.62
N MET A 316 -12.77 -0.03 7.13
CA MET A 316 -12.27 1.33 7.24
C MET A 316 -12.24 1.78 8.70
N LEU A 317 -13.26 1.42 9.47
CA LEU A 317 -13.27 1.79 10.89
C LEU A 317 -12.12 1.12 11.64
N LEU A 318 -11.88 -0.17 11.37
CA LEU A 318 -10.77 -0.85 12.02
C LEU A 318 -9.43 -0.23 11.63
N GLU A 319 -9.26 0.09 10.35
CA GLU A 319 -8.02 0.72 9.91
C GLU A 319 -7.81 2.06 10.58
N GLN A 320 -8.86 2.88 10.67
CA GLN A 320 -8.73 4.19 11.30
C GLN A 320 -8.45 4.05 12.79
N PHE A 321 -9.09 3.10 13.45
CA PHE A 321 -8.82 2.87 14.86
C PHE A 321 -7.38 2.44 15.08
N SER A 322 -6.86 1.57 14.22
CA SER A 322 -5.46 1.18 14.31
C SER A 322 -4.54 2.36 14.10
N PHE A 323 -4.89 3.24 13.16
CA PHE A 323 -4.08 4.44 12.92
C PHE A 323 -4.06 5.36 14.13
N ASP A 324 -5.23 5.58 14.74
CA ASP A 324 -5.35 6.57 15.80
C ASP A 324 -4.77 6.10 17.13
N ILE A 325 -4.87 4.81 17.44
CA ILE A 325 -4.40 4.28 18.72
C ILE A 325 -2.97 3.76 18.64
N ALA A 326 -2.25 4.09 17.55
CA ALA A 326 -0.93 3.52 17.33
C ALA A 326 0.03 3.84 18.47
N GLU A 327 -0.10 5.03 19.07
CA GLU A 327 0.78 5.39 20.16
C GLU A 327 0.50 4.54 21.40
N GLU A 328 -0.77 4.42 21.78
CA GLU A 328 -1.14 3.69 22.99
C GLU A 328 -1.12 2.17 22.80
N ALA A 329 -1.04 1.68 21.57
CA ALA A 329 -1.04 0.25 21.31
C ALA A 329 0.36 -0.33 21.20
N SER A 330 1.40 0.48 21.40
CA SER A 330 2.77 -0.01 21.27
C SER A 330 3.15 -0.91 22.44
N LYS A 331 2.76 -0.53 23.66
CA LYS A 331 3.20 -1.23 24.87
C LYS A 331 2.19 -2.26 25.35
N VAL A 332 1.12 -2.51 24.60
CA VAL A 332 0.11 -3.47 25.00
C VAL A 332 -0.01 -4.55 23.95
N CYS A 333 -0.29 -5.77 24.41
CA CYS A 333 -0.37 -6.91 23.50
C CYS A 333 -1.52 -6.75 22.51
N LEU A 334 -2.67 -6.26 22.96
CA LEU A 334 -3.81 -6.04 22.09
C LEU A 334 -4.49 -4.72 22.46
N ALA A 335 -5.20 -4.16 21.50
CA ALA A 335 -5.97 -2.93 21.69
C ALA A 335 -7.31 -3.11 21.01
N HIS A 336 -8.36 -3.34 21.80
CA HIS A 336 -9.68 -3.65 21.29
C HIS A 336 -10.59 -2.45 21.45
N LEU A 337 -11.34 -2.13 20.39
CA LEU A 337 -12.25 -0.99 20.38
C LEU A 337 -13.67 -1.47 20.52
N PHE A 338 -14.37 -0.93 21.51
CA PHE A 338 -15.78 -1.25 21.74
C PHE A 338 -16.63 -0.06 21.31
N THR A 339 -17.57 -0.30 20.41
CA THR A 339 -18.34 0.77 19.81
C THR A 339 -19.79 0.30 19.67
N TYR A 340 -20.67 1.25 19.34
CA TYR A 340 -22.10 1.01 19.28
C TYR A 340 -22.67 1.64 18.01
N GLN A 341 -22.68 0.87 16.92
CA GLN A 341 -23.38 1.28 15.71
C GLN A 341 -23.81 0.03 14.95
N ASP A 342 -24.80 0.21 14.08
CA ASP A 342 -25.38 -0.90 13.34
C ASP A 342 -24.61 -1.10 12.04
N PHE A 343 -23.72 -2.08 12.03
CA PHE A 343 -22.91 -2.36 10.86
C PHE A 343 -23.76 -2.95 9.74
N ASP A 344 -23.27 -2.80 8.51
CA ASP A 344 -24.00 -3.27 7.35
C ASP A 344 -23.91 -4.79 7.21
N MET A 345 -24.96 -5.38 6.64
CA MET A 345 -25.02 -6.80 6.32
C MET A 345 -24.88 -7.70 7.55
N GLY A 346 -25.25 -7.19 8.72
CA GLY A 346 -25.35 -8.02 9.91
C GLY A 346 -24.05 -8.32 10.63
N THR A 347 -22.91 -7.84 10.13
CA THR A 347 -21.66 -8.09 10.82
C THR A 347 -21.59 -7.27 12.10
N LEU A 348 -20.76 -7.72 13.04
CA LEU A 348 -20.61 -7.06 14.33
C LEU A 348 -19.18 -6.74 14.71
N GLY A 349 -18.19 -7.49 14.24
CA GLY A 349 -16.81 -7.21 14.58
C GLY A 349 -15.86 -7.90 13.63
N LEU A 350 -14.66 -7.34 13.52
CA LEU A 350 -13.63 -7.90 12.63
C LEU A 350 -12.29 -7.34 13.06
N ALA A 351 -11.34 -8.23 13.34
CA ALA A 351 -10.01 -7.84 13.77
C ALA A 351 -8.96 -8.37 12.81
N TYR A 352 -7.78 -7.78 12.87
CA TYR A 352 -6.68 -8.22 12.02
C TYR A 352 -6.27 -9.64 12.37
N VAL A 353 -6.12 -10.47 11.35
CA VAL A 353 -5.78 -11.88 11.57
C VAL A 353 -4.30 -11.98 11.94
N GLY A 354 -4.01 -12.81 12.95
CA GLY A 354 -2.65 -13.00 13.38
C GLY A 354 -1.92 -14.06 12.57
N SER A 355 -0.59 -14.07 12.71
CA SER A 355 0.25 -15.02 12.00
C SER A 355 1.55 -15.20 12.78
N PRO A 356 2.03 -16.44 12.91
CA PRO A 356 3.31 -16.65 13.61
C PRO A 356 4.53 -16.21 12.83
N ARG A 357 4.38 -15.87 11.55
CA ARG A 357 5.52 -15.47 10.74
C ARG A 357 6.09 -14.14 11.22
N ALA A 358 7.42 -14.02 11.14
CA ALA A 358 8.08 -12.79 11.56
C ALA A 358 7.75 -11.63 10.62
N ASN A 359 7.64 -11.90 9.32
CA ASN A 359 7.42 -10.85 8.35
C ASN A 359 5.97 -10.37 8.31
N SER A 360 5.06 -11.01 9.04
CA SER A 360 3.66 -10.64 9.03
C SER A 360 3.35 -9.72 10.21
N HIS A 361 2.67 -8.61 9.92
CA HIS A 361 2.29 -7.64 10.94
C HIS A 361 0.80 -7.75 11.18
N GLY A 362 0.40 -7.69 12.45
CA GLY A 362 -1.01 -7.76 12.78
C GLY A 362 -1.39 -9.05 13.50
N GLY A 363 -1.79 -8.93 14.74
CA GLY A 363 -2.17 -10.09 15.52
C GLY A 363 -1.84 -9.88 16.99
N VAL A 364 -1.29 -10.93 17.60
CA VAL A 364 -1.00 -10.89 19.03
C VAL A 364 0.13 -9.94 19.34
N CYS A 365 1.17 -9.94 18.53
CA CYS A 365 2.29 -9.13 18.98
C CYS A 365 2.26 -7.76 18.30
N PRO A 366 2.70 -6.71 19.01
CA PRO A 366 2.70 -5.37 18.41
C PRO A 366 3.84 -5.18 17.42
N LYS A 367 3.73 -5.82 16.25
CA LYS A 367 4.75 -5.69 15.23
C LYS A 367 4.68 -4.31 14.58
N ALA A 368 5.85 -3.78 14.21
CA ALA A 368 5.95 -2.43 13.69
C ALA A 368 5.65 -2.39 12.20
N TYR A 369 5.02 -1.30 11.77
CA TYR A 369 4.70 -1.08 10.36
C TYR A 369 4.52 0.40 10.15
N TYR A 370 5.41 1.01 9.37
CA TYR A 370 5.42 2.44 9.17
C TYR A 370 4.46 2.85 8.06
N SER A 371 3.90 4.05 8.19
CA SER A 371 2.94 4.58 7.24
C SER A 371 3.25 6.05 7.00
N PRO A 372 3.68 6.45 5.80
CA PRO A 372 4.00 7.86 5.56
C PRO A 372 2.81 8.80 5.66
N VAL A 373 1.58 8.27 5.67
CA VAL A 373 0.40 9.14 5.73
C VAL A 373 0.41 9.94 7.02
N GLY A 374 0.70 9.30 8.16
CA GLY A 374 0.71 9.95 9.44
C GLY A 374 2.07 10.21 10.04
N LYS A 375 3.14 9.87 9.33
CA LYS A 375 4.51 10.06 9.83
C LYS A 375 4.72 9.36 11.18
N LYS A 376 4.11 8.18 11.33
CA LYS A 376 4.20 7.44 12.58
C LYS A 376 4.11 5.95 12.28
N ASN A 377 4.65 5.16 13.21
CA ASN A 377 4.48 3.72 13.14
C ASN A 377 3.02 3.35 13.38
N ILE A 378 2.57 2.32 12.67
CA ILE A 378 1.21 1.81 12.82
C ILE A 378 1.30 0.36 13.29
N TYR A 379 0.67 0.08 14.43
CA TYR A 379 0.68 -1.25 15.02
C TYR A 379 -0.69 -1.88 14.76
N LEU A 380 -0.68 -3.05 14.09
CA LEU A 380 -1.90 -3.69 13.63
C LEU A 380 -2.45 -4.71 14.62
N ASN A 381 -2.15 -4.55 15.91
CA ASN A 381 -2.71 -5.43 16.94
C ASN A 381 -4.02 -4.84 17.47
N SER A 382 -4.94 -4.60 16.55
CA SER A 382 -6.19 -3.93 16.87
C SER A 382 -7.35 -4.93 16.88
N GLY A 383 -8.55 -4.40 17.07
CA GLY A 383 -9.76 -5.20 17.10
C GLY A 383 -10.96 -4.30 16.96
N LEU A 384 -12.14 -4.91 17.02
CA LEU A 384 -13.37 -4.16 16.84
C LEU A 384 -14.53 -5.02 17.34
N THR A 385 -15.43 -4.41 18.10
CA THR A 385 -16.63 -5.08 18.59
C THR A 385 -17.76 -4.07 18.68
N SER A 386 -18.76 -4.23 17.84
CA SER A 386 -19.99 -3.44 17.92
C SER A 386 -21.04 -4.28 18.63
N THR A 387 -21.83 -3.64 19.49
CA THR A 387 -22.83 -4.32 20.30
C THR A 387 -24.23 -3.85 19.91
N LYS A 388 -24.48 -3.74 18.61
CA LYS A 388 -25.77 -3.32 18.12
C LYS A 388 -25.95 -3.85 16.70
N ASN A 389 -26.97 -4.68 16.50
CA ASN A 389 -27.32 -5.16 15.17
C ASN A 389 -28.82 -5.06 14.98
N TYR A 390 -29.23 -4.68 13.77
CA TYR A 390 -30.63 -4.56 13.39
C TYR A 390 -31.38 -3.56 14.28
N GLY A 391 -30.66 -2.57 14.81
CA GLY A 391 -31.28 -1.48 15.52
C GLY A 391 -31.57 -1.72 16.98
N LYS A 392 -31.33 -2.92 17.50
CA LYS A 392 -31.60 -3.23 18.89
C LYS A 392 -30.32 -3.71 19.58
N THR A 393 -30.12 -3.22 20.80
CA THR A 393 -28.96 -3.64 21.59
C THR A 393 -29.01 -5.15 21.82
N ILE A 394 -27.89 -5.80 21.57
CA ILE A 394 -27.84 -7.25 21.65
C ILE A 394 -27.51 -7.68 23.08
N LEU A 395 -27.88 -8.90 23.41
CA LEU A 395 -27.68 -9.42 24.76
C LEU A 395 -26.20 -9.61 25.05
N THR A 396 -25.87 -9.70 26.34
CA THR A 396 -24.46 -9.80 26.73
C THR A 396 -23.82 -11.08 26.23
N LYS A 397 -24.60 -12.14 26.03
CA LYS A 397 -24.04 -13.38 25.51
C LYS A 397 -23.54 -13.20 24.08
N GLU A 398 -24.36 -12.58 23.22
CA GLU A 398 -23.93 -12.36 21.84
C GLU A 398 -22.76 -11.38 21.77
N ALA A 399 -22.76 -10.36 22.64
CA ALA A 399 -21.65 -9.43 22.68
C ALA A 399 -20.36 -10.13 23.09
N ASP A 400 -20.43 -10.99 24.10
CA ASP A 400 -19.27 -11.78 24.51
C ASP A 400 -18.80 -12.67 23.36
N LEU A 401 -19.74 -13.31 22.65
CA LEU A 401 -19.36 -14.17 21.53
C LEU A 401 -18.67 -13.38 20.43
N VAL A 402 -19.17 -12.19 20.12
CA VAL A 402 -18.53 -11.38 19.08
C VAL A 402 -17.15 -10.93 19.54
N THR A 403 -17.01 -10.58 20.82
CA THR A 403 -15.71 -10.17 21.33
C THR A 403 -14.70 -11.30 21.24
N THR A 404 -15.09 -12.53 21.62
CA THR A 404 -14.13 -13.62 21.55
C THR A 404 -13.88 -14.05 20.11
N HIS A 405 -14.85 -13.85 19.21
CA HIS A 405 -14.59 -14.09 17.80
C HIS A 405 -13.54 -13.13 17.26
N GLU A 406 -13.68 -11.85 17.58
CA GLU A 406 -12.67 -10.87 17.15
C GLU A 406 -11.31 -11.18 17.76
N LEU A 407 -11.29 -11.55 19.04
CA LEU A 407 -10.01 -11.84 19.69
C LEU A 407 -9.40 -13.13 19.15
N GLY A 408 -10.22 -14.10 18.74
CA GLY A 408 -9.69 -15.27 18.08
C GLY A 408 -9.10 -14.94 16.72
N HIS A 409 -9.75 -14.04 15.98
CA HIS A 409 -9.14 -13.53 14.75
C HIS A 409 -7.79 -12.89 15.05
N ASN A 410 -7.71 -12.13 16.14
CA ASN A 410 -6.44 -11.53 16.53
C ASN A 410 -5.40 -12.59 16.87
N PHE A 411 -5.83 -13.69 17.48
CA PHE A 411 -4.92 -14.73 17.94
C PHE A 411 -4.48 -15.69 16.84
N GLY A 412 -4.66 -15.32 15.57
CA GLY A 412 -4.18 -16.12 14.46
C GLY A 412 -5.22 -17.03 13.83
N ALA A 413 -6.39 -17.18 14.42
CA ALA A 413 -7.39 -18.06 13.87
C ALA A 413 -7.97 -17.48 12.58
N GLU A 414 -8.72 -18.32 11.88
CA GLU A 414 -9.39 -17.93 10.64
C GLU A 414 -10.83 -18.42 10.69
N HIS A 415 -11.67 -17.78 9.87
CA HIS A 415 -13.08 -18.16 9.82
C HIS A 415 -13.22 -19.62 9.44
N ASP A 416 -14.12 -20.31 10.13
CA ASP A 416 -14.26 -21.75 9.93
C ASP A 416 -14.73 -22.04 8.50
N PRO A 417 -14.19 -23.07 7.86
CA PRO A 417 -14.65 -23.45 6.51
C PRO A 417 -15.97 -24.21 6.60
N ASP A 418 -16.99 -23.69 5.92
CA ASP A 418 -18.32 -24.28 5.96
C ASP A 418 -18.39 -25.63 5.24
N GLY A 419 -17.37 -25.99 4.48
CA GLY A 419 -17.42 -27.24 3.73
C GLY A 419 -17.42 -28.47 4.61
N LEU A 420 -16.60 -28.46 5.66
CA LEU A 420 -16.39 -29.63 6.50
C LEU A 420 -17.24 -29.53 7.76
N ALA A 421 -17.91 -30.64 8.11
CA ALA A 421 -18.66 -30.69 9.35
C ALA A 421 -17.76 -30.84 10.57
N GLU A 422 -16.52 -31.30 10.38
CA GLU A 422 -15.61 -31.40 11.52
C GLU A 422 -15.09 -30.02 11.92
N CYS A 423 -14.91 -29.11 10.95
CA CYS A 423 -14.54 -27.74 11.30
C CYS A 423 -15.75 -26.97 11.83
N ALA A 424 -16.93 -27.21 11.28
CA ALA A 424 -18.16 -26.59 11.74
C ALA A 424 -19.34 -27.50 11.42
N PRO A 425 -19.95 -28.13 12.41
CA PRO A 425 -21.02 -29.09 12.14
C PRO A 425 -22.35 -28.38 11.91
N ASN A 426 -23.37 -29.19 11.63
CA ASN A 426 -24.72 -28.66 11.49
C ASN A 426 -25.31 -28.39 12.87
N GLU A 427 -26.52 -27.83 12.87
CA GLU A 427 -27.13 -27.38 14.12
C GLU A 427 -27.39 -28.54 15.07
N ASP A 428 -27.83 -29.68 14.54
CA ASP A 428 -28.26 -30.78 15.40
C ASP A 428 -27.11 -31.32 16.24
N GLN A 429 -25.94 -31.51 15.64
CA GLN A 429 -24.81 -32.11 16.34
C GLN A 429 -23.94 -31.04 17.01
N GLY A 430 -24.56 -30.30 17.92
CA GLY A 430 -23.85 -29.35 18.74
C GLY A 430 -23.79 -27.94 18.20
N GLY A 431 -24.19 -27.71 16.96
CA GLY A 431 -24.23 -26.37 16.41
C GLY A 431 -22.87 -25.85 15.96
N LYS A 432 -22.88 -24.62 15.46
CA LYS A 432 -21.68 -24.00 14.92
C LYS A 432 -20.68 -23.72 16.03
N TYR A 433 -19.40 -23.84 15.70
CA TYR A 433 -18.32 -23.44 16.60
C TYR A 433 -18.10 -21.93 16.52
N VAL A 434 -17.16 -21.46 17.33
CA VAL A 434 -16.72 -20.06 17.28
C VAL A 434 -15.96 -19.88 15.98
N MET A 435 -15.70 -18.63 15.59
CA MET A 435 -15.00 -18.28 14.36
C MET A 435 -15.80 -18.61 13.12
N TYR A 436 -17.10 -18.82 13.25
CA TYR A 436 -17.94 -19.04 12.09
C TYR A 436 -18.07 -17.74 11.28
N PRO A 437 -18.24 -17.83 9.96
CA PRO A 437 -18.36 -16.61 9.16
C PRO A 437 -19.45 -15.66 9.62
N ILE A 438 -20.58 -16.18 10.09
CA ILE A 438 -21.65 -15.35 10.62
C ILE A 438 -21.66 -15.49 12.14
N ALA A 439 -22.28 -14.52 12.79
CA ALA A 439 -22.34 -14.51 14.25
C ALA A 439 -23.53 -15.32 14.73
N VAL A 440 -23.27 -16.29 15.60
CA VAL A 440 -24.30 -17.10 16.23
C VAL A 440 -24.18 -16.92 17.73
N SER A 441 -25.29 -16.55 18.38
CA SER A 441 -25.22 -16.11 19.78
C SER A 441 -25.23 -17.29 20.76
N GLY A 442 -26.31 -18.04 20.78
CA GLY A 442 -26.47 -19.08 21.79
C GLY A 442 -27.18 -20.33 21.30
N ASP A 443 -26.99 -20.67 20.02
CA ASP A 443 -27.77 -21.75 19.42
C ASP A 443 -27.60 -23.06 20.18
N HIS A 444 -26.37 -23.42 20.51
CA HIS A 444 -26.11 -24.69 21.18
C HIS A 444 -24.92 -24.51 22.12
N GLU A 445 -24.49 -25.61 22.74
CA GLU A 445 -23.51 -25.54 23.82
C GLU A 445 -22.12 -25.20 23.32
N ASN A 446 -21.67 -25.85 22.24
CA ASN A 446 -20.31 -25.60 21.77
C ASN A 446 -20.20 -24.35 20.94
N ASN A 447 -21.19 -23.45 21.01
CA ASN A 447 -21.08 -22.16 20.35
C ASN A 447 -20.05 -21.26 21.01
N LYS A 448 -19.60 -21.59 22.22
CA LYS A 448 -18.56 -20.84 22.90
C LYS A 448 -17.20 -21.51 22.83
N MET A 449 -17.09 -22.64 22.13
CA MET A 449 -15.89 -23.45 22.10
C MET A 449 -15.20 -23.31 20.76
N PHE A 450 -13.87 -23.14 20.79
CA PHE A 450 -13.09 -23.00 19.57
C PHE A 450 -12.90 -24.35 18.90
N SER A 451 -13.16 -24.40 17.60
CA SER A 451 -12.95 -25.63 16.84
C SER A 451 -11.46 -25.94 16.71
N ASN A 452 -11.12 -27.22 16.76
CA ASN A 452 -9.74 -27.62 16.54
C ASN A 452 -9.25 -27.17 15.17
N CYS A 453 -10.16 -27.21 14.18
CA CYS A 453 -9.88 -26.72 12.84
C CYS A 453 -9.50 -25.24 12.85
N SER A 454 -9.93 -24.50 13.88
CA SER A 454 -9.47 -23.14 14.12
C SER A 454 -8.56 -23.03 15.32
N LYS A 455 -8.45 -24.08 16.14
CA LYS A 455 -7.54 -24.06 17.28
C LYS A 455 -6.09 -24.22 16.84
N GLN A 456 -5.86 -24.93 15.73
CA GLN A 456 -4.49 -25.16 15.28
C GLN A 456 -3.80 -23.85 14.93
N SER A 457 -4.51 -22.95 14.25
CA SER A 457 -3.90 -21.66 13.88
C SER A 457 -3.59 -20.82 15.12
N ILE A 458 -4.49 -20.83 16.11
CA ILE A 458 -4.24 -20.09 17.33
C ILE A 458 -3.02 -20.65 18.05
N TYR A 459 -2.90 -21.98 18.09
CA TYR A 459 -1.71 -22.59 18.69
C TYR A 459 -0.45 -22.16 17.95
N LYS A 460 -0.50 -22.16 16.62
CA LYS A 460 0.67 -21.78 15.83
C LYS A 460 1.09 -20.35 16.12
N THR A 461 0.12 -19.44 16.20
CA THR A 461 0.46 -18.03 16.48
C THR A 461 0.98 -17.86 17.90
N ILE A 462 0.31 -18.48 18.88
CA ILE A 462 0.67 -18.29 20.28
C ILE A 462 2.07 -18.85 20.55
N GLU A 463 2.39 -20.03 19.99
CA GLU A 463 3.68 -20.64 20.26
C GLU A 463 4.84 -19.73 19.88
N SER A 464 4.65 -18.89 18.86
CA SER A 464 5.71 -17.99 18.41
C SER A 464 5.59 -16.59 18.96
N LYS A 465 4.43 -16.18 19.46
CA LYS A 465 4.30 -14.82 19.97
C LYS A 465 4.35 -14.73 21.49
N ALA A 466 4.20 -15.85 22.20
CA ALA A 466 4.24 -15.83 23.66
C ALA A 466 5.63 -15.47 24.17
N GLN A 467 6.68 -15.97 23.50
CA GLN A 467 8.03 -15.64 23.89
C GLN A 467 8.38 -14.19 23.67
N GLU A 468 7.53 -13.45 22.95
CA GLU A 468 7.80 -12.05 22.61
C GLU A 468 6.93 -11.07 23.38
N CYS A 469 5.61 -11.25 23.38
CA CYS A 469 4.71 -10.23 23.92
C CYS A 469 3.65 -10.84 24.84
N PHE A 470 4.08 -11.68 25.77
CA PHE A 470 3.20 -12.25 26.79
C PHE A 470 3.80 -12.03 28.17
N GLN A 471 3.05 -11.32 29.01
CA GLN A 471 3.51 -10.99 30.36
C GLN A 471 2.92 -11.96 31.38
N GLU A 472 3.10 -11.65 32.66
CA GLU A 472 2.61 -12.48 33.75
C GLU A 472 1.11 -12.29 33.94
N ARG A 473 0.50 -13.23 34.67
CA ARG A 473 -0.92 -13.12 34.99
C ARG A 473 -1.19 -11.91 35.89
N SER A 474 -0.34 -11.72 36.90
CA SER A 474 -0.37 -10.60 37.85
C SER A 474 -1.58 -10.62 38.76
N ASN A 475 -2.50 -11.57 38.61
CA ASN A 475 -3.70 -11.63 39.45
C ASN A 475 -4.07 -13.10 39.64
N LYS A 476 -5.28 -13.33 40.16
CA LYS A 476 -5.76 -14.68 40.40
C LYS A 476 -6.94 -14.99 39.48
N ASP B 1 6.74 19.89 2.33
CA ASP B 1 7.32 19.26 1.15
C ASP B 1 8.82 19.03 1.33
N ILE B 2 9.28 17.81 1.06
CA ILE B 2 10.67 17.44 1.17
C ILE B 2 11.29 17.45 -0.22
N GLN B 3 12.39 18.19 -0.38
CA GLN B 3 13.09 18.27 -1.65
C GLN B 3 14.34 17.39 -1.58
N MET B 4 14.53 16.57 -2.60
CA MET B 4 15.59 15.57 -2.61
C MET B 4 16.55 15.85 -3.76
N THR B 5 17.85 15.68 -3.51
CA THR B 5 18.89 16.00 -4.47
C THR B 5 19.85 14.83 -4.59
N GLN B 6 20.34 14.59 -5.80
CA GLN B 6 21.37 13.59 -6.05
C GLN B 6 22.56 14.22 -6.74
N SER B 7 23.75 13.73 -6.41
CA SER B 7 24.97 14.18 -7.03
C SER B 7 25.96 13.03 -7.02
N PRO B 8 26.66 12.78 -8.12
CA PRO B 8 26.61 13.49 -9.41
C PRO B 8 25.43 13.05 -10.26
N SER B 9 24.95 13.92 -11.16
CA SER B 9 23.81 13.58 -12.00
C SER B 9 24.17 12.48 -13.00
N SER B 10 25.39 12.51 -13.53
CA SER B 10 25.87 11.49 -14.44
C SER B 10 27.37 11.32 -14.24
N LEU B 11 27.77 10.11 -13.84
CA LEU B 11 29.17 9.83 -13.54
C LEU B 11 29.65 8.61 -14.32
N SER B 12 30.94 8.59 -14.62
CA SER B 12 31.57 7.52 -15.36
C SER B 12 32.61 6.83 -14.48
N ALA B 13 32.67 5.51 -14.56
CA ALA B 13 33.62 4.74 -13.78
C ALA B 13 33.95 3.45 -14.50
N SER B 14 35.09 2.86 -14.13
CA SER B 14 35.52 1.60 -14.69
C SER B 14 34.80 0.45 -14.01
N VAL B 15 35.13 -0.79 -14.39
CA VAL B 15 34.47 -1.95 -13.80
C VAL B 15 34.85 -2.11 -12.34
N GLY B 16 36.15 -1.99 -12.02
CA GLY B 16 36.62 -2.17 -10.67
C GLY B 16 36.56 -0.94 -9.78
N ASP B 17 36.13 0.20 -10.30
CA ASP B 17 36.19 1.45 -9.55
C ASP B 17 35.05 1.48 -8.54
N ARG B 18 35.28 2.19 -7.43
CA ARG B 18 34.32 2.31 -6.34
C ARG B 18 33.44 3.53 -6.58
N VAL B 19 32.18 3.30 -6.92
CA VAL B 19 31.24 4.38 -7.18
C VAL B 19 30.52 4.76 -5.90
N THR B 20 30.54 6.05 -5.57
CA THR B 20 29.81 6.59 -4.44
C THR B 20 28.77 7.58 -4.94
N ILE B 21 27.52 7.39 -4.55
CA ILE B 21 26.42 8.27 -4.92
C ILE B 21 25.95 9.00 -3.67
N THR B 22 25.84 10.32 -3.77
CA THR B 22 25.42 11.15 -2.65
C THR B 22 24.00 11.66 -2.91
N CYS B 23 23.14 11.50 -1.92
CA CYS B 23 21.73 11.88 -2.01
C CYS B 23 21.39 12.71 -0.77
N ARG B 24 21.32 14.03 -0.95
CA ARG B 24 21.12 14.96 0.16
C ARG B 24 19.69 15.46 0.16
N SER B 25 19.05 15.42 1.34
CA SER B 25 17.67 15.87 1.49
C SER B 25 17.63 17.34 1.90
N SER B 26 16.43 17.91 1.83
CA SER B 26 16.20 19.28 2.28
C SER B 26 15.78 19.36 3.74
N GLN B 27 15.72 18.22 4.44
CA GLN B 27 15.36 18.17 5.84
C GLN B 27 16.26 17.14 6.51
N SER B 28 15.90 16.75 7.74
CA SER B 28 16.62 15.71 8.46
C SER B 28 15.70 14.48 8.54
N ILE B 29 15.74 13.67 7.49
CA ILE B 29 15.00 12.41 7.47
C ILE B 29 15.61 11.51 8.54
N PRO B 30 14.82 11.01 9.49
CA PRO B 30 15.42 10.27 10.61
C PRO B 30 16.19 9.05 10.18
N SER B 31 15.52 8.08 9.58
CA SER B 31 16.22 6.93 9.00
C SER B 31 15.58 6.40 7.73
N TYR B 32 14.51 7.00 7.23
CA TYR B 32 13.71 6.40 6.17
C TYR B 32 14.12 7.00 4.83
N LEU B 33 15.12 6.38 4.21
CA LEU B 33 15.52 6.70 2.86
C LEU B 33 15.94 5.41 2.17
N ASN B 34 15.49 5.22 0.93
CA ASN B 34 15.77 3.99 0.22
C ASN B 34 16.05 4.29 -1.25
N TRP B 35 16.91 3.46 -1.84
CA TRP B 35 17.37 3.64 -3.21
C TRP B 35 16.69 2.64 -4.13
N TYR B 36 16.69 2.96 -5.43
CA TYR B 36 16.21 2.07 -6.47
C TYR B 36 17.16 2.07 -7.65
N GLN B 37 17.14 0.97 -8.40
CA GLN B 37 17.90 0.84 -9.64
C GLN B 37 16.93 0.47 -10.74
N GLN B 38 17.01 1.15 -11.88
CA GLN B 38 16.15 0.88 -13.02
C GLN B 38 17.01 0.79 -14.27
N LYS B 39 17.06 -0.37 -14.87
CA LYS B 39 17.72 -0.42 -16.16
C LYS B 39 16.78 0.09 -17.25
N PRO B 40 17.32 0.78 -18.25
CA PRO B 40 16.47 1.33 -19.32
C PRO B 40 15.63 0.25 -19.97
N GLY B 41 14.30 0.38 -19.83
CA GLY B 41 13.37 -0.58 -20.37
C GLY B 41 12.82 -1.57 -19.37
N LYS B 42 13.12 -1.41 -18.08
CA LYS B 42 12.62 -2.30 -17.04
C LYS B 42 12.09 -1.49 -15.87
N ALA B 43 11.22 -2.12 -15.10
CA ALA B 43 10.68 -1.50 -13.91
C ALA B 43 11.78 -1.34 -12.85
N PRO B 44 11.71 -0.28 -12.05
CA PRO B 44 12.73 -0.08 -11.02
C PRO B 44 12.73 -1.20 -9.99
N LYS B 45 13.91 -1.50 -9.47
CA LYS B 45 14.10 -2.52 -8.45
C LYS B 45 14.76 -1.89 -7.23
N LEU B 46 14.26 -2.23 -6.05
CA LEU B 46 14.81 -1.67 -4.82
C LEU B 46 16.04 -2.44 -4.37
N LEU B 47 17.09 -1.70 -4.01
CA LEU B 47 18.33 -2.28 -3.52
C LEU B 47 18.50 -2.11 -2.02
N ILE B 48 18.40 -0.88 -1.52
CA ILE B 48 18.73 -0.57 -0.14
C ILE B 48 17.57 0.17 0.49
N TYR B 49 17.16 -0.24 1.69
CA TYR B 49 16.10 0.43 2.42
C TYR B 49 16.63 0.82 3.80
N ALA B 50 15.96 1.81 4.39
CA ALA B 50 16.34 2.39 5.68
C ALA B 50 17.73 3.01 5.67
N ALA B 51 18.26 3.27 4.47
CA ALA B 51 19.49 4.04 4.27
C ALA B 51 20.74 3.33 4.78
N SER B 52 20.57 2.17 5.42
CA SER B 52 21.72 1.42 5.90
C SER B 52 21.55 -0.08 5.76
N ARG B 53 20.46 -0.55 5.16
CA ARG B 53 20.15 -1.97 5.06
C ARG B 53 20.04 -2.37 3.59
N LEU B 54 20.40 -3.62 3.31
CA LEU B 54 20.30 -4.16 1.96
C LEU B 54 19.13 -5.13 1.87
N GLN B 55 18.40 -5.04 0.76
CA GLN B 55 17.23 -5.88 0.55
C GLN B 55 17.63 -7.33 0.34
N SER B 56 16.74 -8.25 0.72
CA SER B 56 16.95 -9.66 0.43
C SER B 56 16.75 -9.87 -1.07
N GLY B 57 17.85 -9.92 -1.81
CA GLY B 57 17.76 -10.08 -3.26
C GLY B 57 18.79 -9.27 -4.03
N VAL B 58 19.42 -8.30 -3.38
CA VAL B 58 20.44 -7.48 -4.02
C VAL B 58 21.81 -7.98 -3.56
N PRO B 59 22.80 -8.04 -4.46
CA PRO B 59 24.13 -8.49 -4.04
C PRO B 59 24.71 -7.59 -2.95
N SER B 60 25.53 -8.19 -2.09
CA SER B 60 26.05 -7.51 -0.90
C SER B 60 27.10 -6.46 -1.23
N ARG B 61 27.38 -6.18 -2.50
CA ARG B 61 28.34 -5.12 -2.81
C ARG B 61 27.75 -3.74 -2.61
N PHE B 62 26.42 -3.61 -2.72
CA PHE B 62 25.78 -2.32 -2.49
C PHE B 62 25.71 -2.02 -1.00
N SER B 63 26.25 -0.86 -0.60
CA SER B 63 26.29 -0.45 0.78
C SER B 63 25.76 0.97 0.91
N GLY B 64 24.99 1.21 1.96
CA GLY B 64 24.40 2.52 2.19
C GLY B 64 24.73 3.03 3.58
N SER B 65 24.97 4.33 3.66
CA SER B 65 25.34 4.94 4.93
C SER B 65 25.00 6.42 4.89
N GLY B 66 24.97 7.04 6.07
CA GLY B 66 24.61 8.43 6.19
C GLY B 66 23.29 8.62 6.89
N SER B 67 23.25 9.48 7.91
CA SER B 67 22.06 9.70 8.70
C SER B 67 21.81 11.20 8.84
N GLY B 68 20.54 11.53 9.06
CA GLY B 68 20.15 12.92 9.20
C GLY B 68 19.88 13.59 7.87
N THR B 69 20.83 14.41 7.41
CA THR B 69 20.73 15.09 6.13
C THR B 69 21.54 14.41 5.04
N ASP B 70 22.80 14.11 5.31
CA ASP B 70 23.68 13.49 4.33
C ASP B 70 23.36 12.01 4.22
N PHE B 71 22.98 11.56 3.03
CA PHE B 71 22.76 10.15 2.75
C PHE B 71 23.65 9.74 1.59
N THR B 72 24.25 8.56 1.70
CA THR B 72 25.19 8.09 0.69
C THR B 72 24.88 6.65 0.31
N LEU B 73 25.05 6.35 -0.98
CA LEU B 73 25.00 4.99 -1.49
C LEU B 73 26.33 4.68 -2.12
N THR B 74 26.91 3.53 -1.76
CA THR B 74 28.23 3.14 -2.25
C THR B 74 28.19 1.72 -2.77
N ILE B 75 28.76 1.51 -3.95
CA ILE B 75 28.94 0.18 -4.53
C ILE B 75 30.43 -0.06 -4.66
N SER B 76 30.92 -1.13 -4.03
CA SER B 76 32.36 -1.36 -3.97
C SER B 76 32.94 -1.66 -5.34
N SER B 77 32.34 -2.59 -6.07
CA SER B 77 32.82 -2.99 -7.38
C SER B 77 31.69 -2.87 -8.39
N LEU B 78 31.95 -2.17 -9.50
CA LEU B 78 30.96 -1.96 -10.55
C LEU B 78 30.95 -3.18 -11.48
N GLN B 79 30.21 -4.20 -11.08
CA GLN B 79 30.06 -5.36 -11.94
C GLN B 79 29.29 -4.96 -13.20
N PRO B 80 29.71 -5.46 -14.38
CA PRO B 80 29.10 -5.01 -15.63
C PRO B 80 27.60 -5.12 -15.71
N GLU B 81 26.93 -5.73 -14.73
CA GLU B 81 25.47 -5.87 -14.74
C GLU B 81 24.79 -4.85 -13.83
N ASP B 82 25.51 -3.86 -13.32
CA ASP B 82 24.98 -2.86 -12.41
C ASP B 82 25.05 -1.47 -13.01
N PHE B 83 25.04 -1.37 -14.34
CA PHE B 83 25.19 -0.08 -15.02
C PHE B 83 23.80 0.43 -15.40
N ALA B 84 23.15 1.11 -14.45
CA ALA B 84 21.81 1.62 -14.67
C ALA B 84 21.59 2.83 -13.78
N THR B 85 20.55 3.59 -14.10
CA THR B 85 20.26 4.80 -13.35
C THR B 85 19.74 4.47 -11.96
N TYR B 86 20.08 5.31 -10.99
CA TYR B 86 19.73 5.12 -9.59
C TYR B 86 18.93 6.29 -9.08
N TYR B 87 17.80 6.00 -8.43
CA TYR B 87 16.95 7.01 -7.80
C TYR B 87 16.92 6.76 -6.29
N CYS B 88 17.10 7.81 -5.51
CA CYS B 88 16.99 7.74 -4.06
C CYS B 88 15.66 8.34 -3.63
N GLN B 89 14.96 7.65 -2.74
CA GLN B 89 13.65 8.05 -2.29
C GLN B 89 13.62 8.23 -0.78
N GLN B 90 12.94 9.27 -0.32
CA GLN B 90 12.61 9.43 1.08
C GLN B 90 11.19 8.92 1.31
N SER B 91 10.95 8.31 2.47
CA SER B 91 9.65 7.77 2.81
C SER B 91 9.18 8.29 4.17
N TYR B 92 9.48 9.56 4.46
CA TYR B 92 9.17 10.11 5.77
C TYR B 92 7.81 10.79 5.79
N SER B 93 7.54 11.65 4.82
CA SER B 93 6.34 12.48 4.83
C SER B 93 5.36 11.99 3.76
N THR B 94 4.17 12.60 3.76
CA THR B 94 3.13 12.22 2.80
C THR B 94 3.54 12.45 1.36
N PRO B 95 4.05 13.62 0.96
CA PRO B 95 4.45 13.78 -0.45
C PRO B 95 5.83 13.21 -0.73
N LEU B 96 5.99 11.91 -0.47
CA LEU B 96 7.27 11.25 -0.68
C LEU B 96 7.67 11.33 -2.15
N THR B 97 8.78 11.99 -2.42
CA THR B 97 9.25 12.19 -3.78
C THR B 97 10.67 11.64 -3.92
N PHE B 98 11.03 11.27 -5.14
CA PHE B 98 12.26 10.58 -5.40
C PHE B 98 13.33 11.58 -5.84
N GLY B 99 14.56 11.10 -5.99
CA GLY B 99 15.63 11.96 -6.42
C GLY B 99 15.59 12.25 -7.90
N GLY B 100 16.45 13.18 -8.33
CA GLY B 100 16.50 13.54 -9.72
C GLY B 100 16.94 12.39 -10.61
N GLY B 101 17.95 11.65 -10.18
CA GLY B 101 18.42 10.51 -10.93
C GLY B 101 19.88 10.61 -11.34
N THR B 102 20.68 9.64 -10.91
CA THR B 102 22.07 9.52 -11.32
C THR B 102 22.21 8.35 -12.27
N LYS B 103 23.11 8.48 -13.25
CA LYS B 103 23.31 7.47 -14.27
C LYS B 103 24.78 7.08 -14.31
N VAL B 104 25.04 5.78 -14.44
CA VAL B 104 26.40 5.24 -14.49
C VAL B 104 26.55 4.43 -15.76
N GLU B 105 27.67 4.62 -16.46
CA GLU B 105 27.93 3.92 -17.71
C GLU B 105 29.41 3.58 -17.78
N ILE B 106 29.80 2.91 -18.87
CA ILE B 106 31.13 2.35 -18.99
C ILE B 106 32.14 3.45 -19.25
N LYS B 107 33.24 3.44 -18.49
CA LYS B 107 34.39 4.28 -18.79
C LYS B 107 35.30 3.56 -19.78
N ARG B 108 35.65 4.23 -20.88
CA ARG B 108 36.52 3.67 -21.89
C ARG B 108 37.52 4.72 -22.32
N THR B 109 38.25 4.43 -23.40
CA THR B 109 39.27 5.34 -23.91
C THR B 109 38.62 6.54 -24.59
N VAL B 110 39.47 7.51 -24.95
CA VAL B 110 39.00 8.70 -25.65
C VAL B 110 38.60 8.33 -27.06
N ALA B 111 37.43 8.80 -27.49
CA ALA B 111 36.87 8.47 -28.78
C ALA B 111 37.08 9.61 -29.78
N ALA B 112 36.91 9.28 -31.06
CA ALA B 112 37.05 10.24 -32.14
C ALA B 112 35.79 10.24 -33.01
N PRO B 113 34.78 11.03 -32.65
CA PRO B 113 33.55 11.10 -33.45
C PRO B 113 33.81 11.54 -34.88
N SER B 114 32.77 11.38 -35.70
CA SER B 114 32.79 11.75 -37.10
C SER B 114 31.72 12.80 -37.36
N VAL B 115 31.83 13.47 -38.51
CA VAL B 115 30.95 14.57 -38.87
C VAL B 115 30.25 14.25 -40.18
N PHE B 116 28.94 14.49 -40.21
CA PHE B 116 28.10 14.27 -41.38
C PHE B 116 26.73 14.87 -41.13
N ILE B 117 26.16 15.48 -42.16
CA ILE B 117 24.82 16.05 -42.09
C ILE B 117 24.04 15.66 -43.33
N PHE B 118 22.74 15.44 -43.14
CA PHE B 118 21.85 14.99 -44.21
C PHE B 118 20.86 16.09 -44.59
N PRO B 119 20.94 16.65 -45.79
CA PRO B 119 19.99 17.70 -46.18
C PRO B 119 18.61 17.12 -46.43
N PRO B 120 17.58 17.96 -46.52
CA PRO B 120 16.25 17.45 -46.86
C PRO B 120 16.24 16.82 -48.24
N SER B 121 15.42 15.78 -48.38
CA SER B 121 15.35 15.03 -49.64
C SER B 121 14.65 15.86 -50.72
N ASP B 122 14.78 15.38 -51.96
CA ASP B 122 14.08 16.02 -53.07
C ASP B 122 12.58 15.91 -52.91
N GLU B 123 12.09 14.76 -52.42
CA GLU B 123 10.67 14.61 -52.14
C GLU B 123 10.23 15.53 -51.01
N GLN B 124 11.15 15.88 -50.10
CA GLN B 124 10.82 16.83 -49.04
C GLN B 124 10.56 18.22 -49.60
N LEU B 125 11.18 18.56 -50.73
CA LEU B 125 10.96 19.88 -51.33
C LEU B 125 9.50 20.04 -51.76
N LYS B 126 8.92 19.02 -52.38
CA LYS B 126 7.51 19.08 -52.74
C LYS B 126 6.59 18.75 -51.57
N SER B 127 7.14 18.25 -50.46
CA SER B 127 6.33 18.00 -49.28
C SER B 127 5.96 19.28 -48.54
N GLY B 128 6.79 20.32 -48.67
CA GLY B 128 6.55 21.59 -48.01
C GLY B 128 7.37 21.82 -46.76
N THR B 129 8.22 20.88 -46.36
CA THR B 129 9.04 21.02 -45.16
C THR B 129 10.46 20.53 -45.47
N ALA B 130 11.45 21.25 -44.93
CA ALA B 130 12.86 20.90 -45.09
C ALA B 130 13.38 20.46 -43.72
N SER B 131 13.75 19.19 -43.62
CA SER B 131 14.23 18.60 -42.37
C SER B 131 15.70 18.19 -42.53
N VAL B 132 16.53 18.58 -41.57
CA VAL B 132 17.95 18.29 -41.57
C VAL B 132 18.29 17.48 -40.33
N VAL B 133 19.00 16.38 -40.52
CA VAL B 133 19.45 15.52 -39.42
C VAL B 133 20.95 15.33 -39.53
N CYS B 134 21.66 15.51 -38.42
CA CYS B 134 23.11 15.33 -38.39
C CYS B 134 23.45 13.88 -38.06
N LEU B 135 24.71 13.53 -38.28
CA LEU B 135 25.20 12.17 -38.08
C LEU B 135 26.44 12.20 -37.19
N LEU B 136 26.29 11.76 -35.95
CA LEU B 136 27.39 11.57 -35.01
C LEU B 136 27.35 10.12 -34.55
N ASN B 137 28.37 9.34 -34.89
CA ASN B 137 28.38 7.91 -34.64
C ASN B 137 29.66 7.48 -33.94
N ASN B 138 29.51 6.56 -32.98
CA ASN B 138 30.65 5.95 -32.28
C ASN B 138 31.52 7.01 -31.60
N PHE B 139 30.94 7.69 -30.63
CA PHE B 139 31.60 8.77 -29.91
C PHE B 139 31.44 8.58 -28.42
N TYR B 140 32.37 9.17 -27.66
CA TYR B 140 32.30 9.12 -26.21
C TYR B 140 32.89 10.42 -25.68
N PRO B 141 32.28 11.03 -24.65
CA PRO B 141 31.05 10.63 -23.97
C PRO B 141 29.84 11.45 -24.40
N ARG B 142 28.65 11.11 -23.89
CA ARG B 142 27.44 11.86 -24.23
C ARG B 142 27.46 13.28 -23.66
N GLU B 143 28.34 13.56 -22.71
CA GLU B 143 28.38 14.86 -22.05
C GLU B 143 29.06 15.90 -22.94
N ALA B 144 28.51 16.05 -24.14
CA ALA B 144 28.99 17.03 -25.12
C ALA B 144 27.79 17.43 -25.98
N LYS B 145 27.17 18.55 -25.63
CA LYS B 145 25.95 19.02 -26.28
C LYS B 145 26.28 20.15 -27.25
N VAL B 146 25.69 20.10 -28.44
CA VAL B 146 25.86 21.12 -29.46
C VAL B 146 24.49 21.72 -29.77
N GLN B 147 24.39 23.03 -29.66
CA GLN B 147 23.17 23.77 -30.01
C GLN B 147 23.57 24.83 -31.05
N TRP B 148 23.53 24.43 -32.32
CA TRP B 148 23.98 25.28 -33.41
C TRP B 148 22.78 25.90 -34.10
N LYS B 149 22.74 27.24 -34.11
CA LYS B 149 21.67 27.99 -34.75
C LYS B 149 22.20 28.65 -36.02
N VAL B 150 21.39 28.62 -37.07
CA VAL B 150 21.80 29.04 -38.40
C VAL B 150 21.23 30.43 -38.68
N ASP B 151 22.11 31.40 -38.88
CA ASP B 151 21.75 32.74 -39.35
C ASP B 151 20.67 33.38 -38.47
N ASN B 152 20.89 33.34 -37.15
CA ASN B 152 20.03 33.99 -36.17
C ASN B 152 18.59 33.48 -36.27
N ALA B 153 18.44 32.17 -36.13
CA ALA B 153 17.15 31.51 -36.15
C ALA B 153 16.80 31.05 -34.74
N LEU B 154 15.54 31.25 -34.35
CA LEU B 154 15.10 30.85 -33.02
C LEU B 154 14.96 29.34 -32.93
N GLN B 155 16.04 28.65 -32.59
CA GLN B 155 16.07 27.19 -32.55
C GLN B 155 15.85 26.75 -31.10
N SER B 156 14.64 26.26 -30.81
CA SER B 156 14.30 25.74 -29.50
C SER B 156 13.19 24.71 -29.66
N GLY B 157 13.27 23.63 -28.90
CA GLY B 157 12.29 22.56 -29.00
C GLY B 157 12.52 21.68 -30.22
N ASN B 158 12.49 22.29 -31.40
CA ASN B 158 12.78 21.54 -32.62
C ASN B 158 14.21 21.03 -32.65
N SER B 159 15.16 21.83 -32.15
CA SER B 159 16.57 21.43 -32.09
C SER B 159 16.81 20.52 -30.89
N GLN B 160 16.09 19.40 -30.86
CA GLN B 160 16.20 18.41 -29.80
C GLN B 160 17.04 17.25 -30.32
N GLU B 161 18.27 17.15 -29.83
CA GLU B 161 19.17 16.10 -30.28
C GLU B 161 18.69 14.74 -29.80
N SER B 162 18.85 13.72 -30.64
CA SER B 162 18.49 12.36 -30.30
C SER B 162 19.76 11.53 -30.11
N VAL B 163 19.93 10.99 -28.90
CA VAL B 163 21.11 10.20 -28.54
C VAL B 163 20.63 8.83 -28.06
N THR B 164 21.28 7.77 -28.56
CA THR B 164 20.90 6.42 -28.17
C THR B 164 21.37 6.11 -26.75
N GLU B 165 20.86 5.00 -26.21
CA GLU B 165 21.10 4.65 -24.81
C GLU B 165 22.35 3.79 -24.71
N GLN B 166 23.06 3.93 -23.60
CA GLN B 166 24.37 3.29 -23.43
C GLN B 166 24.19 1.80 -23.20
N ASP B 167 24.46 1.02 -24.25
CA ASP B 167 24.41 -0.43 -24.13
C ASP B 167 25.61 -0.93 -23.34
N SER B 168 25.39 -2.02 -22.58
CA SER B 168 26.46 -2.60 -21.77
C SER B 168 27.40 -3.50 -22.57
N LYS B 169 27.08 -3.78 -23.84
CA LYS B 169 27.94 -4.60 -24.69
C LYS B 169 28.57 -3.79 -25.81
N ASP B 170 27.75 -3.11 -26.62
CA ASP B 170 28.29 -2.29 -27.70
C ASP B 170 29.00 -1.06 -27.15
N SER B 171 28.37 -0.36 -26.20
CA SER B 171 28.95 0.77 -25.48
C SER B 171 29.32 1.93 -26.40
N THR B 172 28.72 2.01 -27.58
CA THR B 172 28.99 3.10 -28.52
C THR B 172 27.79 4.03 -28.58
N TYR B 173 28.06 5.31 -28.80
CA TYR B 173 27.03 6.35 -28.79
C TYR B 173 26.77 6.85 -30.21
N SER B 174 25.49 7.10 -30.50
CA SER B 174 25.06 7.67 -31.76
C SER B 174 24.21 8.91 -31.46
N LEU B 175 24.48 9.99 -32.17
CA LEU B 175 23.77 11.25 -31.98
C LEU B 175 23.25 11.76 -33.31
N SER B 176 22.12 12.46 -33.26
CA SER B 176 21.49 13.00 -34.46
C SER B 176 20.65 14.21 -34.05
N SER B 177 21.12 15.41 -34.39
CA SER B 177 20.36 16.61 -34.12
C SER B 177 19.19 16.74 -35.10
N THR B 178 18.15 17.43 -34.67
CA THR B 178 16.96 17.67 -35.49
C THR B 178 16.88 19.15 -35.79
N LEU B 179 16.93 19.49 -37.09
CA LEU B 179 16.85 20.88 -37.53
C LEU B 179 15.64 21.02 -38.45
N THR B 180 14.77 21.97 -38.13
CA THR B 180 13.56 22.22 -38.91
C THR B 180 13.71 23.55 -39.65
N LEU B 181 13.43 23.52 -40.95
CA LEU B 181 13.57 24.70 -41.79
C LEU B 181 12.33 24.87 -42.65
N SER B 182 11.98 26.11 -42.93
CA SER B 182 10.86 26.46 -43.78
C SER B 182 11.36 26.82 -45.18
N LYS B 183 10.44 26.77 -46.15
CA LYS B 183 10.80 27.07 -47.53
C LYS B 183 11.14 28.54 -47.72
N ALA B 184 10.58 29.42 -46.89
CA ALA B 184 10.87 30.85 -47.02
C ALA B 184 12.33 31.15 -46.71
N ASP B 185 12.88 30.50 -45.69
CA ASP B 185 14.27 30.74 -45.31
C ASP B 185 15.26 30.07 -46.25
N TYR B 186 14.80 29.26 -47.21
CA TYR B 186 15.71 28.61 -48.14
C TYR B 186 16.50 29.64 -48.95
N GLU B 187 15.84 30.71 -49.39
CA GLU B 187 16.53 31.77 -50.11
C GLU B 187 17.38 32.63 -49.18
N LYS B 188 16.89 32.92 -47.98
CA LYS B 188 17.63 33.76 -47.05
C LYS B 188 18.79 33.03 -46.37
N HIS B 189 18.65 31.74 -46.10
CA HIS B 189 19.73 30.94 -45.52
C HIS B 189 20.53 30.35 -46.68
N LYS B 190 21.56 31.07 -47.10
CA LYS B 190 22.48 30.59 -48.12
C LYS B 190 23.65 29.82 -47.54
N VAL B 191 23.73 29.70 -46.22
CA VAL B 191 24.79 28.97 -45.54
C VAL B 191 24.15 27.89 -44.68
N TYR B 192 24.57 26.64 -44.89
CA TYR B 192 24.16 25.52 -44.06
C TYR B 192 25.39 24.87 -43.47
N ALA B 193 25.37 24.63 -42.16
CA ALA B 193 26.53 24.10 -41.47
C ALA B 193 26.07 23.43 -40.18
N CYS B 194 26.98 22.67 -39.58
CA CYS B 194 26.77 22.06 -38.28
C CYS B 194 28.06 22.17 -37.48
N GLU B 195 27.91 22.14 -36.15
CA GLU B 195 29.03 22.29 -35.25
C GLU B 195 29.21 21.03 -34.42
N VAL B 196 30.45 20.73 -34.06
CA VAL B 196 30.76 19.65 -33.14
C VAL B 196 31.69 20.19 -32.06
N THR B 197 31.61 19.56 -30.88
CA THR B 197 32.45 19.96 -29.75
C THR B 197 32.59 18.74 -28.85
N HIS B 198 33.78 18.14 -28.86
CA HIS B 198 33.98 16.88 -28.16
C HIS B 198 35.35 16.90 -27.49
N GLN B 199 35.45 16.20 -26.36
CA GLN B 199 36.70 16.19 -25.60
C GLN B 199 37.84 15.57 -26.41
N GLY B 200 37.54 14.57 -27.24
CA GLY B 200 38.58 13.98 -28.06
C GLY B 200 39.12 14.94 -29.10
N LEU B 201 38.23 15.67 -29.77
CA LEU B 201 38.62 16.55 -30.86
C LEU B 201 39.31 17.80 -30.32
N SER B 202 40.42 18.18 -30.96
CA SER B 202 41.11 19.40 -30.57
C SER B 202 40.41 20.63 -31.10
N SER B 203 39.81 20.54 -32.28
CA SER B 203 39.17 21.66 -32.92
C SER B 203 37.75 21.30 -33.36
N PRO B 204 36.85 22.29 -33.39
CA PRO B 204 35.49 22.03 -33.89
C PRO B 204 35.49 21.90 -35.40
N VAL B 205 35.20 20.69 -35.88
CA VAL B 205 35.15 20.44 -37.32
C VAL B 205 33.81 20.97 -37.84
N THR B 206 33.85 22.08 -38.58
CA THR B 206 32.64 22.71 -39.10
C THR B 206 32.26 22.03 -40.41
N LYS B 207 31.59 20.89 -40.29
CA LYS B 207 31.10 20.16 -41.44
C LYS B 207 29.91 20.90 -42.03
N SER B 208 30.17 21.67 -43.09
CA SER B 208 29.16 22.52 -43.71
C SER B 208 28.82 21.95 -45.08
N PHE B 209 27.53 21.69 -45.32
CA PHE B 209 27.05 21.22 -46.61
C PHE B 209 26.03 22.21 -47.13
N ASN B 210 26.47 23.13 -47.99
CA ASN B 210 25.58 24.01 -48.71
C ASN B 210 25.20 23.35 -50.04
N ARG B 211 24.24 23.96 -50.73
CA ARG B 211 23.79 23.42 -52.02
C ARG B 211 24.91 23.61 -53.04
N GLY B 212 25.64 22.53 -53.32
CA GLY B 212 26.77 22.57 -54.21
C GLY B 212 28.06 23.05 -53.59
N GLU B 213 28.07 23.36 -52.28
CA GLU B 213 29.27 23.84 -51.60
C GLU B 213 29.52 23.00 -50.36
N CYS B 214 30.79 22.67 -50.13
CA CYS B 214 31.18 21.89 -48.97
C CYS B 214 32.28 22.60 -48.17
N GLU C 1 6.30 -15.81 -6.76
CA GLU C 1 6.24 -15.12 -8.04
C GLU C 1 5.23 -13.97 -8.00
N VAL C 2 5.60 -12.89 -7.31
CA VAL C 2 4.73 -11.73 -7.19
C VAL C 2 4.72 -11.00 -8.53
N GLN C 3 3.54 -10.90 -9.15
CA GLN C 3 3.39 -10.24 -10.44
C GLN C 3 2.29 -9.19 -10.32
N LEU C 4 2.57 -7.99 -10.83
CA LEU C 4 1.63 -6.88 -10.79
C LEU C 4 1.34 -6.47 -12.24
N LEU C 5 0.31 -7.08 -12.84
CA LEU C 5 -0.10 -6.73 -14.18
C LEU C 5 -0.95 -5.48 -14.17
N GLU C 6 -0.78 -4.64 -15.18
CA GLU C 6 -1.55 -3.41 -15.33
C GLU C 6 -2.27 -3.39 -16.67
N SER C 7 -3.45 -2.78 -16.66
CA SER C 7 -4.28 -2.66 -17.85
C SER C 7 -4.54 -1.19 -18.12
N GLY C 8 -5.34 -0.92 -19.14
CA GLY C 8 -5.66 0.46 -19.49
C GLY C 8 -4.45 1.18 -20.06
N GLY C 9 -4.65 2.47 -20.33
CA GLY C 9 -3.59 3.30 -20.85
C GLY C 9 -3.57 3.39 -22.35
N GLY C 10 -3.82 4.57 -22.89
CA GLY C 10 -3.83 4.74 -24.32
C GLY C 10 -3.96 6.20 -24.70
N LEU C 11 -4.10 6.44 -26.00
CA LEU C 11 -4.24 7.80 -26.52
C LEU C 11 -5.58 8.36 -26.09
N VAL C 12 -5.56 9.40 -25.26
CA VAL C 12 -6.76 10.07 -24.80
C VAL C 12 -6.57 11.58 -24.93
N GLN C 13 -7.65 12.27 -25.30
CA GLN C 13 -7.62 13.71 -25.42
C GLN C 13 -7.58 14.35 -24.03
N PRO C 14 -7.15 15.60 -23.94
CA PRO C 14 -7.18 16.30 -22.64
C PRO C 14 -8.59 16.39 -22.11
N GLY C 15 -8.73 16.29 -20.79
CA GLY C 15 -10.03 16.30 -20.17
C GLY C 15 -10.75 14.97 -20.21
N GLY C 16 -10.05 13.89 -20.51
CA GLY C 16 -10.64 12.57 -20.55
C GLY C 16 -10.67 11.89 -19.20
N SER C 17 -10.74 10.56 -19.23
CA SER C 17 -10.78 9.78 -18.00
C SER C 17 -10.26 8.39 -18.29
N LEU C 18 -9.53 7.82 -17.33
CA LEU C 18 -8.99 6.48 -17.45
C LEU C 18 -9.22 5.72 -16.16
N ARG C 19 -9.27 4.40 -16.28
CA ARG C 19 -9.54 3.52 -15.14
C ARG C 19 -8.56 2.35 -15.17
N LEU C 20 -7.28 2.66 -15.32
CA LEU C 20 -6.25 1.62 -15.38
C LEU C 20 -6.16 0.91 -14.04
N SER C 21 -5.96 -0.41 -14.09
CA SER C 21 -6.09 -1.27 -12.93
C SER C 21 -4.82 -2.09 -12.70
N CYS C 22 -4.57 -2.40 -11.44
CA CYS C 22 -3.44 -3.24 -11.02
C CYS C 22 -3.98 -4.63 -10.67
N ALA C 23 -3.65 -5.62 -11.50
CA ALA C 23 -4.07 -6.99 -11.25
C ALA C 23 -3.03 -7.69 -10.38
N ALA C 24 -2.96 -7.24 -9.14
CA ALA C 24 -2.00 -7.80 -8.18
C ALA C 24 -2.30 -9.27 -7.92
N SER C 25 -1.26 -10.08 -7.90
CA SER C 25 -1.41 -11.51 -7.69
C SER C 25 -0.16 -12.07 -7.05
N GLY C 26 -0.31 -13.23 -6.41
CA GLY C 26 0.80 -13.91 -5.77
C GLY C 26 1.07 -13.49 -4.35
N PHE C 27 0.29 -12.59 -3.78
CA PHE C 27 0.48 -12.15 -2.41
C PHE C 27 -0.85 -11.69 -1.84
N THR C 28 -0.90 -11.57 -0.52
CA THR C 28 -2.11 -11.14 0.17
C THR C 28 -2.33 -9.65 -0.12
N PHE C 29 -3.28 -9.37 -1.00
CA PHE C 29 -3.54 -7.99 -1.39
C PHE C 29 -4.07 -7.16 -0.23
N SER C 30 -4.94 -7.74 0.59
CA SER C 30 -5.64 -6.97 1.61
C SER C 30 -4.71 -6.40 2.68
N SER C 31 -3.55 -7.03 2.90
CA SER C 31 -2.65 -6.58 3.94
C SER C 31 -1.57 -5.62 3.47
N TYR C 32 -1.29 -5.57 2.17
CA TYR C 32 -0.18 -4.79 1.65
C TYR C 32 -0.68 -3.47 1.09
N PRO C 33 -0.22 -2.33 1.61
CA PRO C 33 -0.54 -1.05 0.97
C PRO C 33 0.17 -0.93 -0.37
N MET C 34 -0.41 -0.11 -1.25
CA MET C 34 0.14 0.06 -2.58
C MET C 34 0.32 1.54 -2.89
N ASN C 35 1.19 1.80 -3.85
CA ASN C 35 1.44 3.15 -4.36
C ASN C 35 1.31 3.15 -5.87
N TRP C 36 0.94 4.31 -6.42
CA TRP C 36 0.91 4.52 -7.85
C TRP C 36 2.01 5.51 -8.21
N VAL C 37 2.87 5.11 -9.13
CA VAL C 37 4.06 5.89 -9.48
C VAL C 37 4.08 6.11 -10.99
N ARG C 38 4.43 7.33 -11.40
CA ARG C 38 4.48 7.69 -12.81
C ARG C 38 5.92 7.91 -13.24
N GLN C 39 6.13 7.89 -14.55
CA GLN C 39 7.44 8.12 -15.15
C GLN C 39 7.26 8.87 -16.47
N ALA C 40 7.71 10.12 -16.51
CA ALA C 40 7.66 10.90 -17.74
C ALA C 40 8.57 10.28 -18.78
N PRO C 41 8.31 10.53 -20.07
CA PRO C 41 9.12 9.89 -21.12
C PRO C 41 10.54 10.43 -21.15
N GLY C 42 11.50 9.60 -20.77
CA GLY C 42 12.90 10.00 -20.79
C GLY C 42 13.34 10.87 -19.64
N LYS C 43 12.55 10.95 -18.57
CA LYS C 43 12.90 11.79 -17.43
C LYS C 43 12.85 11.00 -16.13
N GLY C 44 12.95 11.70 -15.00
CA GLY C 44 12.85 11.06 -13.72
C GLY C 44 11.46 10.49 -13.48
N LEU C 45 11.30 9.84 -12.34
CA LEU C 45 10.08 9.12 -12.00
C LEU C 45 9.65 9.50 -10.60
N GLU C 46 8.39 9.90 -10.45
CA GLU C 46 7.88 10.50 -9.23
C GLU C 46 6.65 9.75 -8.73
N TRP C 47 6.50 9.69 -7.41
CA TRP C 47 5.35 9.08 -6.78
C TRP C 47 4.10 9.91 -7.00
N VAL C 48 2.96 9.24 -7.12
CA VAL C 48 1.69 9.88 -7.44
C VAL C 48 0.65 9.70 -6.34
N SER C 49 0.45 8.46 -5.89
CA SER C 49 -0.64 8.19 -4.96
C SER C 49 -0.22 7.13 -3.94
N TYR C 50 -0.91 7.16 -2.80
CA TYR C 50 -0.75 6.18 -1.74
C TYR C 50 -2.11 5.80 -1.21
N ILE C 51 -2.28 4.53 -0.85
CA ILE C 51 -3.54 4.03 -0.31
C ILE C 51 -3.25 3.11 0.86
N SER C 52 -4.07 3.22 1.90
CA SER C 52 -3.99 2.32 3.04
C SER C 52 -4.39 0.91 2.63
N PRO C 53 -3.98 -0.10 3.39
CA PRO C 53 -4.30 -1.49 2.99
C PRO C 53 -5.78 -1.76 2.86
N PHE C 54 -6.62 -1.14 3.69
CA PHE C 54 -8.07 -1.30 3.59
C PHE C 54 -8.75 -0.19 2.78
N GLY C 55 -8.01 0.84 2.39
CA GLY C 55 -8.59 1.95 1.67
C GLY C 55 -9.00 3.14 2.51
N GLY C 56 -8.60 3.16 3.79
CA GLY C 56 -8.98 4.26 4.66
C GLY C 56 -8.21 5.54 4.41
N MET C 57 -6.88 5.47 4.52
CA MET C 57 -6.01 6.63 4.36
C MET C 57 -5.48 6.63 2.93
N THR C 58 -5.98 7.56 2.11
CA THR C 58 -5.51 7.74 0.74
C THR C 58 -5.14 9.21 0.56
N ASP C 59 -3.95 9.47 0.03
CA ASP C 59 -3.54 10.82 -0.32
C ASP C 59 -2.65 10.76 -1.55
N TYR C 60 -2.56 11.89 -2.24
CA TYR C 60 -1.90 12.00 -3.52
C TYR C 60 -0.79 13.05 -3.45
N ALA C 61 -0.08 13.21 -4.56
CA ALA C 61 0.90 14.26 -4.69
C ALA C 61 0.20 15.62 -4.78
N THR C 62 0.99 16.68 -4.81
CA THR C 62 0.42 18.02 -4.87
C THR C 62 -0.15 18.34 -6.25
N SER C 63 0.34 17.67 -7.30
CA SER C 63 -0.10 17.97 -8.65
C SER C 63 -1.38 17.26 -9.06
N VAL C 64 -1.82 16.25 -8.30
CA VAL C 64 -2.98 15.47 -8.68
C VAL C 64 -3.99 15.44 -7.54
N LYS C 65 -3.99 16.48 -6.71
CA LYS C 65 -4.82 16.49 -5.51
C LYS C 65 -6.31 16.39 -5.86
N GLY C 66 -6.78 17.22 -6.77
CA GLY C 66 -8.19 17.27 -7.12
C GLY C 66 -8.60 16.63 -8.42
N ARG C 67 -7.72 15.86 -9.07
CA ARG C 67 -8.01 15.28 -10.36
C ARG C 67 -7.89 13.76 -10.41
N PHE C 68 -7.38 13.13 -9.36
CA PHE C 68 -7.17 11.69 -9.35
C PHE C 68 -8.04 11.05 -8.27
N THR C 69 -8.15 9.73 -8.36
CA THR C 69 -8.94 8.96 -7.39
C THR C 69 -8.45 7.52 -7.43
N ILE C 70 -8.04 6.99 -6.28
CA ILE C 70 -7.52 5.63 -6.18
C ILE C 70 -8.44 4.84 -5.27
N SER C 71 -8.82 3.64 -5.71
CA SER C 71 -9.70 2.77 -4.95
C SER C 71 -9.24 1.33 -5.12
N ARG C 72 -9.64 0.50 -4.16
CA ARG C 72 -9.31 -0.92 -4.17
C ARG C 72 -10.57 -1.74 -3.97
N ASP C 73 -10.79 -2.71 -4.85
CA ASP C 73 -11.80 -3.75 -4.63
C ASP C 73 -11.04 -5.00 -4.20
N ASN C 74 -10.78 -5.10 -2.90
CA ASN C 74 -10.03 -6.23 -2.36
C ASN C 74 -10.70 -7.56 -2.66
N SER C 75 -12.03 -7.54 -2.86
CA SER C 75 -12.72 -8.76 -3.25
C SER C 75 -12.26 -9.23 -4.63
N LYS C 76 -12.07 -8.31 -5.56
CA LYS C 76 -11.64 -8.64 -6.91
C LYS C 76 -10.13 -8.65 -7.07
N ASN C 77 -9.37 -8.46 -6.00
CA ASN C 77 -7.91 -8.56 -6.01
C ASN C 77 -7.29 -7.60 -7.04
N THR C 78 -7.77 -6.36 -7.03
CA THR C 78 -7.35 -5.42 -8.06
C THR C 78 -7.30 -4.01 -7.47
N LEU C 79 -6.27 -3.26 -7.85
CA LEU C 79 -6.09 -1.87 -7.46
C LEU C 79 -6.40 -0.95 -8.64
N TYR C 80 -7.16 0.12 -8.38
CA TYR C 80 -7.60 1.02 -9.42
C TYR C 80 -7.01 2.41 -9.21
N LEU C 81 -6.92 3.17 -10.30
CA LEU C 81 -6.50 4.57 -10.28
C LEU C 81 -7.34 5.31 -11.31
N GLN C 82 -8.41 5.96 -10.85
CA GLN C 82 -9.31 6.69 -11.72
C GLN C 82 -8.89 8.15 -11.75
N MET C 83 -8.42 8.62 -12.90
CA MET C 83 -8.03 10.02 -13.07
C MET C 83 -8.98 10.68 -14.06
N ASN C 84 -9.41 11.89 -13.73
CA ASN C 84 -10.31 12.67 -14.57
C ASN C 84 -9.70 14.05 -14.82
N SER C 85 -10.16 14.69 -15.89
CA SER C 85 -9.64 16.00 -16.32
C SER C 85 -8.13 15.92 -16.56
N LEU C 86 -7.72 14.95 -17.37
CA LEU C 86 -6.31 14.75 -17.65
C LEU C 86 -5.75 15.94 -18.42
N ARG C 87 -4.46 16.19 -18.20
CA ARG C 87 -3.77 17.33 -18.79
C ARG C 87 -2.63 16.82 -19.66
N ALA C 88 -2.11 17.71 -20.50
CA ALA C 88 -1.03 17.33 -21.40
C ALA C 88 0.23 16.92 -20.64
N GLU C 89 0.43 17.47 -19.44
CA GLU C 89 1.61 17.12 -18.66
C GLU C 89 1.57 15.70 -18.13
N ASP C 90 0.39 15.08 -18.06
CA ASP C 90 0.25 13.74 -17.50
C ASP C 90 0.74 12.65 -18.44
N THR C 91 1.39 13.00 -19.55
CA THR C 91 1.97 12.01 -20.44
C THR C 91 3.13 11.33 -19.72
N ALA C 92 2.92 10.09 -19.28
CA ALA C 92 3.94 9.39 -18.51
C ALA C 92 3.60 7.92 -18.47
N VAL C 93 4.60 7.12 -18.11
CA VAL C 93 4.41 5.70 -17.84
C VAL C 93 4.04 5.54 -16.37
N TYR C 94 2.91 4.88 -16.10
CA TYR C 94 2.36 4.79 -14.76
C TYR C 94 2.61 3.40 -14.20
N TYR C 95 3.47 3.32 -13.20
CA TYR C 95 3.80 2.07 -12.54
C TYR C 95 2.97 1.90 -11.28
N CYS C 96 2.59 0.67 -10.97
CA CYS C 96 1.83 0.33 -9.79
C CYS C 96 2.76 -0.42 -8.83
N ALA C 97 3.07 0.21 -7.70
CA ALA C 97 4.08 -0.30 -6.77
C ALA C 97 3.43 -0.74 -5.48
N ARG C 98 3.88 -1.88 -4.96
CA ARG C 98 3.41 -2.42 -3.69
C ARG C 98 4.30 -1.90 -2.58
N ASP C 99 3.73 -1.11 -1.68
CA ASP C 99 4.50 -0.57 -0.56
C ASP C 99 4.95 -1.72 0.31
N ALA C 100 6.16 -1.62 0.85
CA ALA C 100 6.69 -2.67 1.72
C ALA C 100 5.90 -2.69 3.02
N MET C 101 5.30 -3.85 3.33
CA MET C 101 4.48 -3.95 4.51
C MET C 101 5.31 -3.79 5.78
N ARG C 102 6.64 -3.92 5.67
CA ARG C 102 7.59 -3.48 6.68
C ARG C 102 8.18 -2.14 6.25
N GLY C 103 8.66 -1.37 7.23
CA GLY C 103 9.28 -0.11 6.90
C GLY C 103 8.34 0.80 6.14
N ALA C 104 8.91 1.55 5.18
CA ALA C 104 8.09 2.42 4.33
C ALA C 104 8.55 2.44 2.87
N GLU C 105 9.27 1.42 2.43
CA GLU C 105 9.76 1.35 1.06
C GLU C 105 8.77 0.56 0.20
N VAL C 106 9.18 0.23 -1.02
CA VAL C 106 8.39 -0.59 -1.93
C VAL C 106 9.26 -1.74 -2.44
N ASP C 107 8.69 -2.94 -2.49
CA ASP C 107 9.44 -4.11 -2.95
C ASP C 107 9.26 -4.35 -4.46
N TYR C 108 8.01 -4.55 -4.89
CA TYR C 108 7.73 -5.02 -6.23
C TYR C 108 6.95 -3.97 -7.00
N TRP C 109 7.28 -3.82 -8.28
CA TRP C 109 6.64 -2.86 -9.17
C TRP C 109 5.90 -3.60 -10.27
N GLY C 110 5.03 -2.88 -10.95
CA GLY C 110 4.34 -3.38 -12.12
C GLY C 110 5.21 -3.21 -13.36
N GLN C 111 4.56 -3.26 -14.52
CA GLN C 111 5.24 -3.04 -15.78
C GLN C 111 4.90 -1.71 -16.43
N GLY C 112 3.83 -1.05 -16.00
CA GLY C 112 3.53 0.28 -16.48
C GLY C 112 2.71 0.32 -17.74
N THR C 113 1.74 1.23 -17.79
CA THR C 113 0.94 1.49 -18.98
C THR C 113 1.32 2.85 -19.52
N LEU C 114 1.70 2.90 -20.79
CA LEU C 114 2.16 4.14 -21.39
C LEU C 114 0.99 5.07 -21.64
N VAL C 115 0.63 5.86 -20.64
CA VAL C 115 -0.50 6.77 -20.75
C VAL C 115 -0.03 8.01 -21.52
N THR C 116 -0.40 8.09 -22.79
CA THR C 116 -0.06 9.22 -23.64
C THR C 116 -1.31 10.02 -23.95
N VAL C 117 -1.23 11.34 -23.82
CA VAL C 117 -2.37 12.22 -24.01
C VAL C 117 -2.02 13.24 -25.09
N SER C 118 -2.97 13.47 -25.99
CA SER C 118 -2.84 14.46 -27.06
C SER C 118 -4.16 14.51 -27.82
N SER C 119 -4.40 15.63 -28.49
CA SER C 119 -5.54 15.77 -29.38
C SER C 119 -5.13 15.45 -30.82
N ALA C 120 -4.60 14.25 -31.00
CA ALA C 120 -4.12 13.80 -32.30
C ALA C 120 -4.43 12.32 -32.45
N SER C 121 -5.21 11.98 -33.48
CA SER C 121 -5.55 10.59 -33.73
C SER C 121 -4.31 9.81 -34.16
N THR C 122 -4.40 8.49 -34.05
CA THR C 122 -3.30 7.62 -34.43
C THR C 122 -3.16 7.61 -35.95
N LYS C 123 -2.20 8.37 -36.47
CA LYS C 123 -1.98 8.50 -37.90
C LYS C 123 -0.80 7.62 -38.31
N GLY C 124 -0.95 6.94 -39.44
CA GLY C 124 0.07 6.06 -39.95
C GLY C 124 1.39 6.77 -40.17
N PRO C 125 2.48 6.15 -39.71
CA PRO C 125 3.81 6.75 -39.91
C PRO C 125 4.12 6.95 -41.38
N SER C 126 4.87 8.01 -41.67
CA SER C 126 5.32 8.31 -43.02
C SER C 126 6.84 8.33 -43.06
N VAL C 127 7.40 7.77 -44.13
CA VAL C 127 8.84 7.60 -44.28
C VAL C 127 9.29 8.39 -45.51
N PHE C 128 10.31 9.23 -45.33
CA PHE C 128 10.89 9.96 -46.44
C PHE C 128 12.33 9.51 -46.66
N PRO C 129 12.77 9.42 -47.91
CA PRO C 129 14.08 8.80 -48.18
C PRO C 129 15.24 9.62 -47.64
N LEU C 130 16.14 8.93 -46.94
CA LEU C 130 17.45 9.47 -46.60
C LEU C 130 18.45 9.03 -47.67
N ALA C 131 18.15 9.43 -48.90
CA ALA C 131 18.82 8.88 -50.07
C ALA C 131 20.28 9.34 -50.13
N PRO C 132 21.22 8.44 -50.42
CA PRO C 132 22.60 8.87 -50.66
C PRO C 132 22.76 9.43 -52.07
N SER C 133 23.66 10.39 -52.20
CA SER C 133 23.92 11.02 -53.49
C SER C 133 25.39 11.39 -53.59
N SER C 134 25.83 11.65 -54.82
CA SER C 134 27.21 12.04 -55.05
C SER C 134 27.53 13.37 -54.37
N LYS C 135 26.59 14.33 -54.43
CA LYS C 135 26.82 15.63 -53.83
C LYS C 135 26.52 15.66 -52.34
N SER C 136 25.68 14.75 -51.84
CA SER C 136 25.24 14.77 -50.45
C SER C 136 25.99 13.78 -49.57
N THR C 137 27.00 13.09 -50.10
CA THR C 137 27.78 12.14 -49.34
C THR C 137 29.25 12.34 -49.62
N SER C 138 30.07 12.29 -48.57
CA SER C 138 31.51 12.50 -48.68
C SER C 138 32.24 11.45 -47.86
N GLY C 139 33.21 10.78 -48.48
CA GLY C 139 34.07 9.85 -47.78
C GLY C 139 33.32 8.60 -47.33
N GLY C 140 33.89 7.95 -46.30
CA GLY C 140 33.30 6.75 -45.75
C GLY C 140 32.11 6.97 -44.84
N THR C 141 31.81 8.23 -44.50
CA THR C 141 30.65 8.53 -43.68
C THR C 141 29.37 8.40 -44.49
N ALA C 142 28.70 7.25 -44.38
CA ALA C 142 27.49 6.97 -45.13
C ALA C 142 26.30 6.98 -44.18
N ALA C 143 25.15 7.43 -44.70
CA ALA C 143 23.94 7.53 -43.92
C ALA C 143 22.79 6.86 -44.67
N LEU C 144 21.90 6.22 -43.91
CA LEU C 144 20.73 5.55 -44.47
C LEU C 144 19.80 5.17 -43.32
N GLY C 145 18.50 5.37 -43.53
CA GLY C 145 17.53 5.04 -42.52
C GLY C 145 16.13 5.40 -42.96
N CYS C 146 15.18 5.19 -42.06
CA CYS C 146 13.77 5.48 -42.30
C CYS C 146 13.40 6.74 -41.53
N LEU C 147 13.19 7.84 -42.25
CA LEU C 147 12.80 9.11 -41.64
C LEU C 147 11.32 9.04 -41.30
N VAL C 148 11.01 8.35 -40.20
CA VAL C 148 9.64 8.21 -39.73
C VAL C 148 9.26 9.50 -39.02
N LYS C 149 8.27 10.20 -39.57
CA LYS C 149 7.82 11.48 -39.02
C LYS C 149 6.30 11.50 -38.98
N ASP C 150 5.77 12.24 -38.01
CA ASP C 150 4.33 12.44 -37.83
C ASP C 150 3.60 11.10 -37.66
N TYR C 151 3.97 10.39 -36.60
CA TYR C 151 3.32 9.15 -36.21
C TYR C 151 2.98 9.22 -34.74
N PHE C 152 1.94 8.48 -34.34
CA PHE C 152 1.33 8.63 -33.02
C PHE C 152 0.34 7.49 -32.85
N PRO C 153 0.27 6.79 -31.69
CA PRO C 153 1.14 6.67 -30.55
C PRO C 153 2.52 6.10 -30.81
N GLU C 154 3.28 5.94 -29.73
CA GLU C 154 4.43 5.06 -29.58
C GLU C 154 4.03 3.87 -28.72
N PRO C 155 4.80 2.76 -28.73
CA PRO C 155 6.07 2.49 -29.39
C PRO C 155 5.94 1.92 -30.79
N VAL C 156 7.02 2.05 -31.57
CA VAL C 156 7.13 1.42 -32.88
C VAL C 156 8.45 0.65 -32.91
N THR C 157 8.37 -0.65 -33.18
CA THR C 157 9.55 -1.50 -33.21
C THR C 157 10.35 -1.24 -34.48
N VAL C 158 11.68 -1.21 -34.34
CA VAL C 158 12.57 -0.96 -35.47
C VAL C 158 12.98 -2.34 -36.01
N SER C 159 12.31 -2.76 -37.08
CA SER C 159 12.65 -4.00 -37.76
C SER C 159 13.27 -3.68 -39.11
N TRP C 160 14.48 -4.20 -39.35
CA TRP C 160 15.21 -3.94 -40.58
C TRP C 160 15.45 -5.26 -41.30
N ASN C 161 15.15 -5.28 -42.60
CA ASN C 161 15.23 -6.47 -43.42
C ASN C 161 14.40 -7.62 -42.81
N SER C 162 13.11 -7.34 -42.63
CA SER C 162 12.18 -8.26 -41.98
C SER C 162 12.60 -8.59 -40.55
N GLY C 163 13.23 -7.62 -39.87
CA GLY C 163 13.66 -7.83 -38.50
C GLY C 163 14.78 -8.84 -38.34
N ALA C 164 15.56 -9.08 -39.39
CA ALA C 164 16.63 -10.08 -39.31
C ALA C 164 17.71 -9.67 -38.33
N LEU C 165 18.08 -8.39 -38.33
CA LEU C 165 19.17 -7.89 -37.48
C LEU C 165 18.58 -7.03 -36.37
N THR C 166 18.88 -7.38 -35.13
CA THR C 166 18.42 -6.63 -33.97
C THR C 166 19.53 -5.92 -33.22
N SER C 167 20.79 -6.17 -33.56
CA SER C 167 21.93 -5.54 -32.91
C SER C 167 22.81 -4.87 -33.95
N GLY C 168 23.41 -3.74 -33.58
CA GLY C 168 24.21 -2.95 -34.48
C GLY C 168 23.47 -1.83 -35.18
N VAL C 169 22.13 -1.89 -35.18
CA VAL C 169 21.31 -0.82 -35.74
C VAL C 169 20.90 0.09 -34.60
N HIS C 170 21.24 1.38 -34.71
CA HIS C 170 20.97 2.33 -33.65
C HIS C 170 19.55 2.88 -33.81
N THR C 171 18.69 2.54 -32.86
CA THR C 171 17.30 3.02 -32.84
C THR C 171 17.22 4.22 -31.89
N PHE C 172 17.28 5.42 -32.46
CA PHE C 172 17.19 6.63 -31.66
C PHE C 172 15.83 6.69 -30.96
N PRO C 173 15.79 6.96 -29.65
CA PRO C 173 14.51 7.30 -29.02
C PRO C 173 13.75 8.31 -29.86
N ALA C 174 12.47 8.05 -30.06
CA ALA C 174 11.66 8.92 -30.90
C ALA C 174 11.58 10.32 -30.29
N VAL C 175 11.74 11.33 -31.14
CA VAL C 175 11.81 12.72 -30.72
C VAL C 175 10.53 13.43 -31.14
N LEU C 176 9.94 14.18 -30.22
CA LEU C 176 8.74 14.96 -30.55
C LEU C 176 9.06 16.01 -31.59
N GLN C 177 8.11 16.27 -32.48
CA GLN C 177 8.26 17.28 -33.51
C GLN C 177 7.43 18.51 -33.18
N SER C 178 7.67 19.59 -33.92
CA SER C 178 7.00 20.86 -33.65
C SER C 178 5.49 20.77 -33.89
N SER C 179 5.02 19.75 -34.60
CA SER C 179 3.60 19.54 -34.81
C SER C 179 2.94 18.77 -33.68
N GLY C 180 3.70 18.39 -32.65
CA GLY C 180 3.16 17.62 -31.55
C GLY C 180 3.04 16.14 -31.82
N LEU C 181 3.71 15.64 -32.85
CA LEU C 181 3.64 14.23 -33.23
C LEU C 181 5.02 13.60 -33.11
N TYR C 182 5.03 12.30 -32.82
CA TYR C 182 6.28 11.58 -32.67
C TYR C 182 7.02 11.47 -34.00
N SER C 183 8.33 11.28 -33.91
CA SER C 183 9.17 11.13 -35.08
C SER C 183 10.49 10.49 -34.66
N LEU C 184 10.95 9.51 -35.43
CA LEU C 184 12.23 8.88 -35.19
C LEU C 184 12.83 8.47 -36.53
N SER C 185 14.16 8.47 -36.60
CA SER C 185 14.88 8.07 -37.82
C SER C 185 16.08 7.23 -37.40
N SER C 186 15.89 5.91 -37.31
CA SER C 186 16.99 5.03 -36.98
C SER C 186 17.96 4.92 -38.16
N VAL C 187 19.25 5.07 -37.89
CA VAL C 187 20.28 5.08 -38.93
C VAL C 187 21.47 4.27 -38.46
N VAL C 188 22.01 3.44 -39.35
CA VAL C 188 23.23 2.68 -39.11
C VAL C 188 24.16 2.89 -40.31
N THR C 189 25.44 3.10 -40.02
CA THR C 189 26.43 3.46 -41.03
C THR C 189 27.12 2.20 -41.54
N VAL C 190 27.21 2.08 -42.87
CA VAL C 190 27.88 0.95 -43.51
C VAL C 190 28.92 1.52 -44.48
N PRO C 191 29.95 0.73 -44.81
CA PRO C 191 30.99 1.23 -45.72
C PRO C 191 30.43 1.63 -47.07
N SER C 192 31.01 2.69 -47.64
CA SER C 192 30.56 3.23 -48.91
C SER C 192 30.74 2.27 -50.08
N SER C 193 31.67 1.32 -49.98
CA SER C 193 31.89 0.37 -51.07
C SER C 193 30.68 -0.53 -51.31
N SER C 194 29.80 -0.68 -50.32
CA SER C 194 28.59 -1.48 -50.45
C SER C 194 27.32 -0.63 -50.36
N LEU C 195 27.44 0.69 -50.57
CA LEU C 195 26.28 1.56 -50.47
C LEU C 195 25.24 1.23 -51.54
N GLY C 196 25.68 1.11 -52.79
CA GLY C 196 24.81 0.79 -53.90
C GLY C 196 24.77 -0.66 -54.31
N THR C 197 25.40 -1.55 -53.54
CA THR C 197 25.46 -2.96 -53.88
C THR C 197 24.42 -3.78 -53.11
N GLN C 198 24.45 -3.70 -51.78
CA GLN C 198 23.49 -4.42 -50.94
C GLN C 198 22.29 -3.53 -50.66
N THR C 199 21.09 -4.10 -50.75
CA THR C 199 19.86 -3.36 -50.53
C THR C 199 19.72 -3.04 -49.05
N TYR C 200 19.42 -1.78 -48.74
CA TYR C 200 19.17 -1.32 -47.37
C TYR C 200 17.75 -0.75 -47.33
N ILE C 201 16.78 -1.62 -47.05
CA ILE C 201 15.38 -1.24 -46.96
C ILE C 201 14.92 -1.44 -45.51
N CYS C 202 14.42 -0.37 -44.90
CA CYS C 202 14.01 -0.38 -43.50
C CYS C 202 12.49 -0.46 -43.39
N ASN C 203 12.03 -1.01 -42.27
CA ASN C 203 10.62 -1.23 -42.02
C ASN C 203 10.24 -0.72 -40.64
N VAL C 204 8.98 -0.32 -40.50
CA VAL C 204 8.44 0.17 -39.23
C VAL C 204 7.02 -0.33 -39.07
N ASN C 205 6.66 -0.65 -37.82
CA ASN C 205 5.35 -1.18 -37.51
C ASN C 205 4.83 -0.55 -36.21
N HIS C 206 3.56 -0.18 -36.22
CA HIS C 206 2.88 0.39 -35.05
C HIS C 206 2.03 -0.71 -34.44
N LYS C 207 2.41 -1.16 -33.24
CA LYS C 207 1.77 -2.29 -32.61
C LYS C 207 0.40 -1.95 -32.03
N PRO C 208 0.27 -0.92 -31.17
CA PRO C 208 -1.07 -0.64 -30.60
C PRO C 208 -2.12 -0.30 -31.64
N SER C 209 -1.76 0.42 -32.70
CA SER C 209 -2.71 0.84 -33.71
C SER C 209 -2.79 -0.10 -34.90
N ASN C 210 -1.99 -1.18 -34.92
CA ASN C 210 -1.96 -2.14 -36.02
C ASN C 210 -1.70 -1.45 -37.36
N THR C 211 -0.68 -0.59 -37.37
CA THR C 211 -0.30 0.15 -38.55
C THR C 211 1.11 -0.25 -38.97
N LYS C 212 1.22 -0.89 -40.13
CA LYS C 212 2.50 -1.33 -40.68
C LYS C 212 2.83 -0.46 -41.89
N VAL C 213 4.01 0.15 -41.87
CA VAL C 213 4.41 1.11 -42.88
C VAL C 213 5.75 0.70 -43.47
N ASP C 214 5.83 0.69 -44.79
CA ASP C 214 7.07 0.37 -45.51
C ASP C 214 7.13 1.19 -46.78
N LYS C 215 8.18 1.99 -46.92
CA LYS C 215 8.39 2.84 -48.09
C LYS C 215 9.61 2.35 -48.85
N ARG C 216 9.43 2.08 -50.15
CA ARG C 216 10.50 1.58 -50.99
C ARG C 216 11.12 2.72 -51.78
N VAL C 217 12.45 2.83 -51.70
CA VAL C 217 13.20 3.87 -52.40
C VAL C 217 14.28 3.21 -53.23
N GLU C 218 14.29 3.50 -54.53
CA GLU C 218 15.30 2.91 -55.41
C GLU C 218 16.67 3.51 -55.11
N PRO C 219 17.73 2.69 -55.11
CA PRO C 219 19.06 3.22 -54.84
C PRO C 219 19.60 4.07 -55.99
N LYS C 220 19.17 5.33 -56.05
CA LYS C 220 19.62 6.26 -57.08
C LYS C 220 20.26 7.48 -56.44
N SER C 221 21.19 8.08 -57.17
CA SER C 221 21.89 9.27 -56.72
C SER C 221 21.14 10.56 -57.02
N CYS C 222 19.97 10.46 -57.65
CA CYS C 222 19.15 11.62 -58.03
C CYS C 222 19.98 12.51 -58.94
N LEU C 223 20.18 13.79 -58.62
CA LEU C 223 20.99 14.65 -59.46
C LEU C 223 22.48 14.44 -59.19
#